data_1AU5
# 
_entry.id   1AU5 
# 
_audit_conform.dict_name       mmcif_pdbx.dic 
_audit_conform.dict_version    5.390 
_audit_conform.dict_location   http://mmcif.pdb.org/dictionaries/ascii/mmcif_pdbx.dic 
# 
loop_
_database_2.database_id 
_database_2.database_code 
_database_2.pdbx_database_accession 
_database_2.pdbx_DOI 
PDB   1AU5         pdb_00001au5 10.2210/pdb1au5/pdb 
WWPDB D_1000171261 ?            ?                   
# 
loop_
_pdbx_audit_revision_history.ordinal 
_pdbx_audit_revision_history.data_content_type 
_pdbx_audit_revision_history.major_revision 
_pdbx_audit_revision_history.minor_revision 
_pdbx_audit_revision_history.revision_date 
1 'Structure model' 1 0 1998-02-25 
2 'Structure model' 1 1 2008-03-24 
3 'Structure model' 1 2 2011-07-13 
4 'Structure model' 1 3 2024-04-10 
# 
_pdbx_audit_revision_details.ordinal             1 
_pdbx_audit_revision_details.revision_ordinal    1 
_pdbx_audit_revision_details.data_content_type   'Structure model' 
_pdbx_audit_revision_details.provider            repository 
_pdbx_audit_revision_details.type                'Initial release' 
_pdbx_audit_revision_details.description         ? 
_pdbx_audit_revision_details.details             ? 
# 
loop_
_pdbx_audit_revision_group.ordinal 
_pdbx_audit_revision_group.revision_ordinal 
_pdbx_audit_revision_group.data_content_type 
_pdbx_audit_revision_group.group 
1 2 'Structure model' 'Version format compliance' 
2 3 'Structure model' 'Non-polymer description'   
3 3 'Structure model' 'Version format compliance' 
4 4 'Structure model' 'Data collection'           
5 4 'Structure model' 'Database references'       
6 4 'Structure model' 'Derived calculations'      
7 4 'Structure model' Other                       
# 
loop_
_pdbx_audit_revision_category.ordinal 
_pdbx_audit_revision_category.revision_ordinal 
_pdbx_audit_revision_category.data_content_type 
_pdbx_audit_revision_category.category 
1 4 'Structure model' chem_comp_atom       
2 4 'Structure model' chem_comp_bond       
3 4 'Structure model' database_2           
4 4 'Structure model' pdbx_database_status 
5 4 'Structure model' struct_conn          
6 4 'Structure model' struct_site          
# 
loop_
_pdbx_audit_revision_item.ordinal 
_pdbx_audit_revision_item.revision_ordinal 
_pdbx_audit_revision_item.data_content_type 
_pdbx_audit_revision_item.item 
1  4 'Structure model' '_database_2.pdbx_DOI'                
2  4 'Structure model' '_database_2.pdbx_database_accession' 
3  4 'Structure model' '_pdbx_database_status.process_site'  
4  4 'Structure model' '_struct_conn.ptnr1_auth_comp_id'     
5  4 'Structure model' '_struct_conn.ptnr1_auth_seq_id'      
6  4 'Structure model' '_struct_conn.ptnr1_label_asym_id'    
7  4 'Structure model' '_struct_conn.ptnr1_label_atom_id'    
8  4 'Structure model' '_struct_conn.ptnr1_label_comp_id'    
9  4 'Structure model' '_struct_conn.ptnr1_label_seq_id'     
10 4 'Structure model' '_struct_conn.ptnr2_auth_comp_id'     
11 4 'Structure model' '_struct_conn.ptnr2_auth_seq_id'      
12 4 'Structure model' '_struct_conn.ptnr2_label_asym_id'    
13 4 'Structure model' '_struct_conn.ptnr2_label_atom_id'    
14 4 'Structure model' '_struct_conn.ptnr2_label_comp_id'    
15 4 'Structure model' '_struct_conn.ptnr2_label_seq_id'     
16 4 'Structure model' '_struct_site.pdbx_auth_asym_id'      
17 4 'Structure model' '_struct_site.pdbx_auth_comp_id'      
18 4 'Structure model' '_struct_site.pdbx_auth_seq_id'       
# 
_pdbx_database_status.status_code                     REL 
_pdbx_database_status.entry_id                        1AU5 
_pdbx_database_status.recvd_initial_deposition_date   1997-09-11 
_pdbx_database_status.deposit_site                    ? 
_pdbx_database_status.process_site                    BNL 
_pdbx_database_status.status_code_sf                  ? 
_pdbx_database_status.status_code_mr                  REL 
_pdbx_database_status.SG_entry                        ? 
_pdbx_database_status.pdb_format_compatible           Y 
_pdbx_database_status.status_code_cs                  ? 
_pdbx_database_status.status_code_nmr_data            ? 
_pdbx_database_status.methods_development_category    ? 
# 
loop_
_audit_author.name 
_audit_author.pdbx_ordinal 
'Yang, D.'           1 
'Van Boom, S.S.G.E.' 2 
'Reedijk, J.'        3 
'Van Boom, J.H.'     4 
'Wang, A.H.-J.'      5 
# 
loop_
_citation.id 
_citation.title 
_citation.journal_abbrev 
_citation.journal_volume 
_citation.page_first 
_citation.page_last 
_citation.year 
_citation.journal_id_ASTM 
_citation.country 
_citation.journal_id_ISSN 
_citation.journal_id_CSD 
_citation.book_publisher 
_citation.pdbx_database_id_PubMed 
_citation.pdbx_database_id_DOI 
primary 'Structure and isomerization of an intrastrand cisplatin-cross-linked octamer DNA duplex by NMR analysis.' Biochemistry 34 
12912 12920 1995 BICHAW US 0006-2960 0033 ?                                                              7548048 
10.1021/bi00039a054 
2       'Structural Studies of Interactions between Anticancer Platinum Drugs and DNA'                             
Prog.Biophys.Mol.Biol. 66 81    ?     1996 PBIMAC UK 0079-6107 0918 ?                                                              
?       ?                   
1       ?                                                                                                          Thesis ?  ?     
?     1996 ?      US ?         2157 'Urbana : University of Illinois at Urbana-Champaign (Thesis)' ?       ?                   
# 
loop_
_citation_author.citation_id 
_citation_author.name 
_citation_author.ordinal 
_citation_author.identifier_ORCID 
primary 'Yang, D.'       1 ? 
primary 'van Boom, S.S.' 2 ? 
primary 'Reedijk, J.'    3 ? 
primary 'van Boom, J.H.' 4 ? 
primary 'Wang, A.H.'     5 ? 
1       'Yang, D.'       6 ? 
2       'Yang, D.'       7 ? 
2       'Wang, A.H.'     8 ? 
# 
loop_
_entity.id 
_entity.type 
_entity.src_method 
_entity.pdbx_description 
_entity.formula_weight 
_entity.pdbx_number_of_molecules 
_entity.pdbx_ec 
_entity.pdbx_mutation 
_entity.pdbx_fragment 
_entity.details 
1 polymer     syn 
;DNA (5'-D(*CP*CP*TP*GP*GP*TP*CP*C)-3')
;
2378.567 1 ? ? ? 'INTRASTRAND CISPLATIN-CROSSLINKED DNA' 
2 polymer     syn 
;DNA (5'-D(*GP*GP*AP*CP*CP*AP*GP*G)-3')
;
2476.643 1 ? ? ? 'INTRASTRAND CISPLATIN-CROSSLINKED DNA' 
3 non-polymer syn Cisplatin                                300.045  1 ? ? ? ?                                       
# 
loop_
_entity_poly.entity_id 
_entity_poly.type 
_entity_poly.nstd_linkage 
_entity_poly.nstd_monomer 
_entity_poly.pdbx_seq_one_letter_code 
_entity_poly.pdbx_seq_one_letter_code_can 
_entity_poly.pdbx_strand_id 
_entity_poly.pdbx_target_identifier 
1 polydeoxyribonucleotide no no '(DC)(DC)(DT)(DG)(DG)(DT)(DC)(DC)' CCTGGTCC A ? 
2 polydeoxyribonucleotide no no '(DG)(DG)(DA)(DC)(DC)(DA)(DG)(DG)' GGACCAGG B ? 
# 
_pdbx_entity_nonpoly.entity_id   3 
_pdbx_entity_nonpoly.name        Cisplatin 
_pdbx_entity_nonpoly.comp_id     CPT 
# 
loop_
_entity_poly_seq.entity_id 
_entity_poly_seq.num 
_entity_poly_seq.mon_id 
_entity_poly_seq.hetero 
1 1 DC n 
1 2 DC n 
1 3 DT n 
1 4 DG n 
1 5 DG n 
1 6 DT n 
1 7 DC n 
1 8 DC n 
2 1 DG n 
2 2 DG n 
2 3 DA n 
2 4 DC n 
2 5 DC n 
2 6 DA n 
2 7 DG n 
2 8 DG n 
# 
loop_
_chem_comp.id 
_chem_comp.type 
_chem_comp.mon_nstd_flag 
_chem_comp.name 
_chem_comp.pdbx_synonyms 
_chem_comp.formula 
_chem_comp.formula_weight 
CPT non-polymer   . Cisplatin                            'diammine(dichloro)platinum' 'Cl2 H6 N2 Pt'    300.045 
DA  'DNA linking' y "2'-DEOXYADENOSINE-5'-MONOPHOSPHATE" ?                            'C10 H14 N5 O6 P' 331.222 
DC  'DNA linking' y "2'-DEOXYCYTIDINE-5'-MONOPHOSPHATE"  ?                            'C9 H14 N3 O7 P'  307.197 
DG  'DNA linking' y "2'-DEOXYGUANOSINE-5'-MONOPHOSPHATE" ?                            'C10 H14 N5 O7 P' 347.221 
DT  'DNA linking' y "THYMIDINE-5'-MONOPHOSPHATE"         ?                            'C10 H15 N2 O8 P' 322.208 
# 
loop_
_pdbx_poly_seq_scheme.asym_id 
_pdbx_poly_seq_scheme.entity_id 
_pdbx_poly_seq_scheme.seq_id 
_pdbx_poly_seq_scheme.mon_id 
_pdbx_poly_seq_scheme.ndb_seq_num 
_pdbx_poly_seq_scheme.pdb_seq_num 
_pdbx_poly_seq_scheme.auth_seq_num 
_pdbx_poly_seq_scheme.pdb_mon_id 
_pdbx_poly_seq_scheme.auth_mon_id 
_pdbx_poly_seq_scheme.pdb_strand_id 
_pdbx_poly_seq_scheme.pdb_ins_code 
_pdbx_poly_seq_scheme.hetero 
A 1 1 DC 1 1  1  DC C A . n 
A 1 2 DC 2 2  2  DC C A . n 
A 1 3 DT 3 3  3  DT T A . n 
A 1 4 DG 4 4  4  DG G A . n 
A 1 5 DG 5 5  5  DG G A . n 
A 1 6 DT 6 6  6  DT T A . n 
A 1 7 DC 7 7  7  DC C A . n 
A 1 8 DC 8 8  8  DC C A . n 
B 2 1 DG 1 9  9  DG G B . n 
B 2 2 DG 2 10 10 DG G B . n 
B 2 3 DA 3 11 11 DA A B . n 
B 2 4 DC 4 12 12 DC C B . n 
B 2 5 DC 5 13 13 DC C B . n 
B 2 6 DA 6 14 14 DA A B . n 
B 2 7 DG 7 15 15 DG G B . n 
B 2 8 DG 8 16 16 DG G B . n 
# 
_pdbx_nonpoly_scheme.asym_id         C 
_pdbx_nonpoly_scheme.entity_id       3 
_pdbx_nonpoly_scheme.mon_id          CPT 
_pdbx_nonpoly_scheme.ndb_seq_num     1 
_pdbx_nonpoly_scheme.pdb_seq_num     17 
_pdbx_nonpoly_scheme.auth_seq_num    17 
_pdbx_nonpoly_scheme.pdb_mon_id      CPT 
_pdbx_nonpoly_scheme.auth_mon_id     CPT 
_pdbx_nonpoly_scheme.pdb_strand_id   A 
_pdbx_nonpoly_scheme.pdb_ins_code    . 
# 
loop_
_software.name 
_software.classification 
_software.version 
_software.citation_id 
_software.pdbx_ordinal 
X-PLOR 'model building' . ? 1 
X-PLOR refinement       . ? 2 
X-PLOR phasing          . ? 3 
# 
_cell.entry_id           1AU5 
_cell.length_a           1.000 
_cell.length_b           1.000 
_cell.length_c           1.000 
_cell.angle_alpha        90.00 
_cell.angle_beta         90.00 
_cell.angle_gamma        90.00 
_cell.Z_PDB              1 
_cell.pdbx_unique_axis   ? 
# 
_symmetry.entry_id                         1AU5 
_symmetry.space_group_name_H-M             'P 1' 
_symmetry.pdbx_full_space_group_name_H-M   ? 
_symmetry.cell_setting                     ? 
_symmetry.Int_Tables_number                1 
# 
_exptl.entry_id          1AU5 
_exptl.method            'SOLUTION NMR' 
_exptl.crystals_number   ? 
# 
_struct.entry_id                  1AU5 
_struct.title                     
'SOLUTION STRUCTURE OF INTRASTRAND CISPLATIN-CROSSLINKED DNA OCTAMER D(CCTG*G*TCC):D(GGACCAGG), NMR, MINIMIZED AVERAGE STRUCTURE' 
_struct.pdbx_model_details        ? 
_struct.pdbx_CASP_flag            ? 
_struct.pdbx_model_type_details   ? 
# 
_struct_keywords.entry_id        1AU5 
_struct_keywords.pdbx_keywords   DNA 
_struct_keywords.text            'INTRASTRAND, CISPLATIN, DNA, DEOXYRIBONUCLEIC ACID' 
# 
loop_
_struct_asym.id 
_struct_asym.pdbx_blank_PDB_chainid_flag 
_struct_asym.pdbx_modified 
_struct_asym.entity_id 
_struct_asym.details 
A N N 1 ? 
B N N 2 ? 
C N N 3 ? 
# 
loop_
_struct_ref.id 
_struct_ref.entity_id 
_struct_ref.db_name 
_struct_ref.db_code 
_struct_ref.pdbx_db_accession 
_struct_ref.pdbx_db_isoform 
_struct_ref.pdbx_seq_one_letter_code 
_struct_ref.pdbx_align_begin 
1 1 PDB 1AU5 1AU5 ? ? ? 
2 2 PDB 1AU5 1AU5 ? ? ? 
# 
loop_
_struct_ref_seq.align_id 
_struct_ref_seq.ref_id 
_struct_ref_seq.pdbx_PDB_id_code 
_struct_ref_seq.pdbx_strand_id 
_struct_ref_seq.seq_align_beg 
_struct_ref_seq.pdbx_seq_align_beg_ins_code 
_struct_ref_seq.seq_align_end 
_struct_ref_seq.pdbx_seq_align_end_ins_code 
_struct_ref_seq.pdbx_db_accession 
_struct_ref_seq.db_align_beg 
_struct_ref_seq.pdbx_db_align_beg_ins_code 
_struct_ref_seq.db_align_end 
_struct_ref_seq.pdbx_db_align_end_ins_code 
_struct_ref_seq.pdbx_auth_seq_align_beg 
_struct_ref_seq.pdbx_auth_seq_align_end 
1 1 1AU5 A 1 ? 8 ? 1AU5 1 ? 8  ? 1 8  
2 2 1AU5 B 1 ? 8 ? 1AU5 9 ? 16 ? 9 16 
# 
_pdbx_struct_assembly.id                   1 
_pdbx_struct_assembly.details              author_defined_assembly 
_pdbx_struct_assembly.method_details       ? 
_pdbx_struct_assembly.oligomeric_details   dimeric 
_pdbx_struct_assembly.oligomeric_count     2 
# 
_pdbx_struct_assembly_gen.assembly_id       1 
_pdbx_struct_assembly_gen.oper_expression   1 
_pdbx_struct_assembly_gen.asym_id_list      A,B,C 
# 
_pdbx_struct_oper_list.id                   1 
_pdbx_struct_oper_list.type                 'identity operation' 
_pdbx_struct_oper_list.name                 1_555 
_pdbx_struct_oper_list.symmetry_operation   x,y,z 
_pdbx_struct_oper_list.matrix[1][1]         1.0000000000 
_pdbx_struct_oper_list.matrix[1][2]         0.0000000000 
_pdbx_struct_oper_list.matrix[1][3]         0.0000000000 
_pdbx_struct_oper_list.vector[1]            0.0000000000 
_pdbx_struct_oper_list.matrix[2][1]         0.0000000000 
_pdbx_struct_oper_list.matrix[2][2]         1.0000000000 
_pdbx_struct_oper_list.matrix[2][3]         0.0000000000 
_pdbx_struct_oper_list.vector[2]            0.0000000000 
_pdbx_struct_oper_list.matrix[3][1]         0.0000000000 
_pdbx_struct_oper_list.matrix[3][2]         0.0000000000 
_pdbx_struct_oper_list.matrix[3][3]         1.0000000000 
_pdbx_struct_oper_list.vector[3]            0.0000000000 
# 
_struct_biol.id   1 
# 
loop_
_struct_conn.id 
_struct_conn.conn_type_id 
_struct_conn.pdbx_leaving_atom_flag 
_struct_conn.pdbx_PDB_id 
_struct_conn.ptnr1_label_asym_id 
_struct_conn.ptnr1_label_comp_id 
_struct_conn.ptnr1_label_seq_id 
_struct_conn.ptnr1_label_atom_id 
_struct_conn.pdbx_ptnr1_label_alt_id 
_struct_conn.pdbx_ptnr1_PDB_ins_code 
_struct_conn.pdbx_ptnr1_standard_comp_id 
_struct_conn.ptnr1_symmetry 
_struct_conn.ptnr2_label_asym_id 
_struct_conn.ptnr2_label_comp_id 
_struct_conn.ptnr2_label_seq_id 
_struct_conn.ptnr2_label_atom_id 
_struct_conn.pdbx_ptnr2_label_alt_id 
_struct_conn.pdbx_ptnr2_PDB_ins_code 
_struct_conn.ptnr1_auth_asym_id 
_struct_conn.ptnr1_auth_comp_id 
_struct_conn.ptnr1_auth_seq_id 
_struct_conn.ptnr2_auth_asym_id 
_struct_conn.ptnr2_auth_comp_id 
_struct_conn.ptnr2_auth_seq_id 
_struct_conn.ptnr2_symmetry 
_struct_conn.pdbx_ptnr3_label_atom_id 
_struct_conn.pdbx_ptnr3_label_seq_id 
_struct_conn.pdbx_ptnr3_label_comp_id 
_struct_conn.pdbx_ptnr3_label_asym_id 
_struct_conn.pdbx_ptnr3_label_alt_id 
_struct_conn.pdbx_ptnr3_PDB_ins_code 
_struct_conn.details 
_struct_conn.pdbx_dist_value 
_struct_conn.pdbx_value_order 
_struct_conn.pdbx_role 
metalc1  metalc ? ? A DG 4 N7 ? ? ? 1_555 C CPT . PT1 ? ? A DG 4 A CPT 17 1_555 ? ? ? ? ? ? ?               1.984 ? ? 
metalc2  metalc ? ? A DG 5 N7 ? ? ? 1_555 C CPT . PT1 ? ? A DG 5 A CPT 17 1_555 ? ? ? ? ? ? ?               1.963 ? ? 
hydrog1  hydrog ? ? A DC 1 N3 ? ? ? 1_555 B DG  8 N1  ? ? A DC 1 B DG  16 1_555 ? ? ? ? ? ? WATSON-CRICK    ?     ? ? 
hydrog2  hydrog ? ? A DC 1 N4 ? ? ? 1_555 B DG  8 O6  ? ? A DC 1 B DG  16 1_555 ? ? ? ? ? ? WATSON-CRICK    ?     ? ? 
hydrog3  hydrog ? ? A DC 1 O2 ? ? ? 1_555 B DG  8 N2  ? ? A DC 1 B DG  16 1_555 ? ? ? ? ? ? WATSON-CRICK    ?     ? ? 
hydrog4  hydrog ? ? A DC 2 N3 ? ? ? 1_555 B DG  7 N1  ? ? A DC 2 B DG  15 1_555 ? ? ? ? ? ? WATSON-CRICK    ?     ? ? 
hydrog5  hydrog ? ? A DC 2 N4 ? ? ? 1_555 B DG  7 O6  ? ? A DC 2 B DG  15 1_555 ? ? ? ? ? ? WATSON-CRICK    ?     ? ? 
hydrog6  hydrog ? ? A DC 2 O2 ? ? ? 1_555 B DG  7 N2  ? ? A DC 2 B DG  15 1_555 ? ? ? ? ? ? WATSON-CRICK    ?     ? ? 
hydrog7  hydrog ? ? A DT 3 N3 ? ? ? 1_555 B DA  6 N1  ? ? A DT 3 B DA  14 1_555 ? ? ? ? ? ? 'DT-DA PAIR'    ?     ? ? 
hydrog8  hydrog ? ? A DG 4 N1 ? ? ? 1_555 B DC  5 N3  ? ? A DG 4 B DC  13 1_555 ? ? ? ? ? ? WATSON-CRICK    ?     ? ? 
hydrog9  hydrog ? ? A DG 4 N2 ? ? ? 1_555 B DC  5 O2  ? ? A DG 4 B DC  13 1_555 ? ? ? ? ? ? WATSON-CRICK    ?     ? ? 
hydrog10 hydrog ? ? A DG 4 O6 ? ? ? 1_555 B DC  5 N4  ? ? A DG 4 B DC  13 1_555 ? ? ? ? ? ? WATSON-CRICK    ?     ? ? 
hydrog11 hydrog ? ? A DG 5 O6 ? ? ? 1_555 B DA  3 N6  ? ? A DG 5 B DA  11 1_555 ? ? ? ? ? ? 'DG-DA MISPAIR' ?     ? ? 
hydrog12 hydrog ? ? A DG 5 N1 ? ? ? 1_555 B DC  4 N3  ? ? A DG 5 B DC  12 1_555 ? ? ? ? ? ? WATSON-CRICK    ?     ? ? 
hydrog13 hydrog ? ? A DG 5 N2 ? ? ? 1_555 B DC  4 O2  ? ? A DG 5 B DC  12 1_555 ? ? ? ? ? ? WATSON-CRICK    ?     ? ? 
hydrog14 hydrog ? ? A DG 5 O6 ? ? ? 1_555 B DC  4 N4  ? ? A DG 5 B DC  12 1_555 ? ? ? ? ? ? WATSON-CRICK    ?     ? ? 
hydrog15 hydrog ? ? A DT 6 N3 ? ? ? 1_555 B DA  3 N1  ? ? A DT 6 B DA  11 1_555 ? ? ? ? ? ? WATSON-CRICK    ?     ? ? 
hydrog16 hydrog ? ? A DT 6 O4 ? ? ? 1_555 B DA  3 N6  ? ? A DT 6 B DA  11 1_555 ? ? ? ? ? ? WATSON-CRICK    ?     ? ? 
hydrog17 hydrog ? ? A DC 7 N3 ? ? ? 1_555 B DG  2 N1  ? ? A DC 7 B DG  10 1_555 ? ? ? ? ? ? WATSON-CRICK    ?     ? ? 
hydrog18 hydrog ? ? A DC 7 N4 ? ? ? 1_555 B DG  2 O6  ? ? A DC 7 B DG  10 1_555 ? ? ? ? ? ? WATSON-CRICK    ?     ? ? 
hydrog19 hydrog ? ? A DC 7 O2 ? ? ? 1_555 B DG  2 N2  ? ? A DC 7 B DG  10 1_555 ? ? ? ? ? ? WATSON-CRICK    ?     ? ? 
hydrog20 hydrog ? ? A DC 8 N3 ? ? ? 1_555 B DG  1 N1  ? ? A DC 8 B DG  9  1_555 ? ? ? ? ? ? WATSON-CRICK    ?     ? ? 
hydrog21 hydrog ? ? A DC 8 N4 ? ? ? 1_555 B DG  1 O6  ? ? A DC 8 B DG  9  1_555 ? ? ? ? ? ? WATSON-CRICK    ?     ? ? 
hydrog22 hydrog ? ? A DC 8 O2 ? ? ? 1_555 B DG  1 N2  ? ? A DC 8 B DG  9  1_555 ? ? ? ? ? ? WATSON-CRICK    ?     ? ? 
# 
loop_
_struct_conn_type.id 
_struct_conn_type.criteria 
_struct_conn_type.reference 
metalc ? ? 
hydrog ? ? 
# 
loop_
_pdbx_struct_conn_angle.id 
_pdbx_struct_conn_angle.ptnr1_label_atom_id 
_pdbx_struct_conn_angle.ptnr1_label_alt_id 
_pdbx_struct_conn_angle.ptnr1_label_asym_id 
_pdbx_struct_conn_angle.ptnr1_label_comp_id 
_pdbx_struct_conn_angle.ptnr1_label_seq_id 
_pdbx_struct_conn_angle.ptnr1_auth_atom_id 
_pdbx_struct_conn_angle.ptnr1_auth_asym_id 
_pdbx_struct_conn_angle.ptnr1_auth_comp_id 
_pdbx_struct_conn_angle.ptnr1_auth_seq_id 
_pdbx_struct_conn_angle.ptnr1_PDB_ins_code 
_pdbx_struct_conn_angle.ptnr1_symmetry 
_pdbx_struct_conn_angle.ptnr2_label_atom_id 
_pdbx_struct_conn_angle.ptnr2_label_alt_id 
_pdbx_struct_conn_angle.ptnr2_label_asym_id 
_pdbx_struct_conn_angle.ptnr2_label_comp_id 
_pdbx_struct_conn_angle.ptnr2_label_seq_id 
_pdbx_struct_conn_angle.ptnr2_auth_atom_id 
_pdbx_struct_conn_angle.ptnr2_auth_asym_id 
_pdbx_struct_conn_angle.ptnr2_auth_comp_id 
_pdbx_struct_conn_angle.ptnr2_auth_seq_id 
_pdbx_struct_conn_angle.ptnr2_PDB_ins_code 
_pdbx_struct_conn_angle.ptnr2_symmetry 
_pdbx_struct_conn_angle.ptnr3_label_atom_id 
_pdbx_struct_conn_angle.ptnr3_label_alt_id 
_pdbx_struct_conn_angle.ptnr3_label_asym_id 
_pdbx_struct_conn_angle.ptnr3_label_comp_id 
_pdbx_struct_conn_angle.ptnr3_label_seq_id 
_pdbx_struct_conn_angle.ptnr3_auth_atom_id 
_pdbx_struct_conn_angle.ptnr3_auth_asym_id 
_pdbx_struct_conn_angle.ptnr3_auth_comp_id 
_pdbx_struct_conn_angle.ptnr3_auth_seq_id 
_pdbx_struct_conn_angle.ptnr3_PDB_ins_code 
_pdbx_struct_conn_angle.ptnr3_symmetry 
_pdbx_struct_conn_angle.value 
_pdbx_struct_conn_angle.value_esd 
1 N7 ? A DG  4 ? A DG  4  ? 1_555 PT1 ? C CPT . ? A CPT 17 ? 1_555 N1 ? C CPT . ? A CPT 17 ? 1_555 91.2  ? 
2 N7 ? A DG  4 ? A DG  4  ? 1_555 PT1 ? C CPT . ? A CPT 17 ? 1_555 N2 ? C CPT . ? A CPT 17 ? 1_555 177.6 ? 
3 N1 ? C CPT . ? A CPT 17 ? 1_555 PT1 ? C CPT . ? A CPT 17 ? 1_555 N2 ? C CPT . ? A CPT 17 ? 1_555 91.2  ? 
4 N7 ? A DG  4 ? A DG  4  ? 1_555 PT1 ? C CPT . ? A CPT 17 ? 1_555 N7 ? A DG  5 ? A DG  5  ? 1_555 87.4  ? 
5 N1 ? C CPT . ? A CPT 17 ? 1_555 PT1 ? C CPT . ? A CPT 17 ? 1_555 N7 ? A DG  5 ? A DG  5  ? 1_555 178.5 ? 
6 N2 ? C CPT . ? A CPT 17 ? 1_555 PT1 ? C CPT . ? A CPT 17 ? 1_555 N7 ? A DG  5 ? A DG  5  ? 1_555 90.2  ? 
# 
_struct_site.id                   AC1 
_struct_site.pdbx_evidence_code   Software 
_struct_site.pdbx_auth_asym_id    A 
_struct_site.pdbx_auth_comp_id    CPT 
_struct_site.pdbx_auth_seq_id     17 
_struct_site.pdbx_auth_ins_code   ? 
_struct_site.pdbx_num_residues    3 
_struct_site.details              'BINDING SITE FOR RESIDUE CPT A 17' 
# 
loop_
_struct_site_gen.id 
_struct_site_gen.site_id 
_struct_site_gen.pdbx_num_res 
_struct_site_gen.label_comp_id 
_struct_site_gen.label_asym_id 
_struct_site_gen.label_seq_id 
_struct_site_gen.pdbx_auth_ins_code 
_struct_site_gen.auth_comp_id 
_struct_site_gen.auth_asym_id 
_struct_site_gen.auth_seq_id 
_struct_site_gen.label_atom_id 
_struct_site_gen.label_alt_id 
_struct_site_gen.symmetry 
_struct_site_gen.details 
1 AC1 3 DG A 4 ? DG A 4 . ? 1_555 ? 
2 AC1 3 DG A 5 ? DG A 5 . ? 1_555 ? 
3 AC1 3 DT A 6 ? DT A 6 . ? 1_555 ? 
# 
loop_
_pdbx_validate_rmsd_bond.id 
_pdbx_validate_rmsd_bond.PDB_model_num 
_pdbx_validate_rmsd_bond.auth_atom_id_1 
_pdbx_validate_rmsd_bond.auth_asym_id_1 
_pdbx_validate_rmsd_bond.auth_comp_id_1 
_pdbx_validate_rmsd_bond.auth_seq_id_1 
_pdbx_validate_rmsd_bond.PDB_ins_code_1 
_pdbx_validate_rmsd_bond.label_alt_id_1 
_pdbx_validate_rmsd_bond.auth_atom_id_2 
_pdbx_validate_rmsd_bond.auth_asym_id_2 
_pdbx_validate_rmsd_bond.auth_comp_id_2 
_pdbx_validate_rmsd_bond.auth_seq_id_2 
_pdbx_validate_rmsd_bond.PDB_ins_code_2 
_pdbx_validate_rmsd_bond.label_alt_id_2 
_pdbx_validate_rmsd_bond.bond_value 
_pdbx_validate_rmsd_bond.bond_target_value 
_pdbx_validate_rmsd_bond.bond_deviation 
_pdbx_validate_rmsd_bond.bond_standard_deviation 
_pdbx_validate_rmsd_bond.linker_flag 
1 1 "C5'" A DT 3 ? ? "C4'" A DT 3 ? ? 1.570 1.512 0.058 0.007 N 
2 1 C5    A DT 3 ? ? C7    A DT 3 ? ? 1.562 1.496 0.066 0.006 N 
3 1 C5    A DT 6 ? ? C7    A DT 6 ? ? 1.557 1.496 0.061 0.006 N 
# 
loop_
_pdbx_validate_rmsd_angle.id 
_pdbx_validate_rmsd_angle.PDB_model_num 
_pdbx_validate_rmsd_angle.auth_atom_id_1 
_pdbx_validate_rmsd_angle.auth_asym_id_1 
_pdbx_validate_rmsd_angle.auth_comp_id_1 
_pdbx_validate_rmsd_angle.auth_seq_id_1 
_pdbx_validate_rmsd_angle.PDB_ins_code_1 
_pdbx_validate_rmsd_angle.label_alt_id_1 
_pdbx_validate_rmsd_angle.auth_atom_id_2 
_pdbx_validate_rmsd_angle.auth_asym_id_2 
_pdbx_validate_rmsd_angle.auth_comp_id_2 
_pdbx_validate_rmsd_angle.auth_seq_id_2 
_pdbx_validate_rmsd_angle.PDB_ins_code_2 
_pdbx_validate_rmsd_angle.label_alt_id_2 
_pdbx_validate_rmsd_angle.auth_atom_id_3 
_pdbx_validate_rmsd_angle.auth_asym_id_3 
_pdbx_validate_rmsd_angle.auth_comp_id_3 
_pdbx_validate_rmsd_angle.auth_seq_id_3 
_pdbx_validate_rmsd_angle.PDB_ins_code_3 
_pdbx_validate_rmsd_angle.label_alt_id_3 
_pdbx_validate_rmsd_angle.angle_value 
_pdbx_validate_rmsd_angle.angle_target_value 
_pdbx_validate_rmsd_angle.angle_deviation 
_pdbx_validate_rmsd_angle.angle_standard_deviation 
_pdbx_validate_rmsd_angle.linker_flag 
1  1 "C4'" A DC 1  ? ? "C3'" A DC 1  ? ? "C2'" A DC 1  ? ? 97.69  102.20 -4.51 0.70 N 
2  1 "O4'" A DC 1  ? ? "C1'" A DC 1  ? ? N1    A DC 1  ? ? 113.32 108.30 5.02  0.30 N 
3  1 "O4'" A DC 2  ? ? "C1'" A DC 2  ? ? N1    A DC 2  ? ? 114.80 108.30 6.50  0.30 N 
4  1 "O4'" A DT 3  ? ? "C1'" A DT 3  ? ? N1    A DT 3  ? ? 111.76 108.30 3.46  0.30 N 
5  1 "C3'" A DT 3  ? ? "O3'" A DT 3  ? ? P     A DG 4  ? ? 127.99 119.70 8.29  1.20 Y 
6  1 "C4'" A DG 4  ? ? "C3'" A DG 4  ? ? "C2'" A DG 4  ? ? 97.98  102.20 -4.22 0.70 N 
7  1 "O4'" A DG 4  ? ? "C1'" A DG 4  ? ? N9    A DG 4  ? ? 116.82 108.30 8.52  0.30 N 
8  1 "O4'" A DG 5  ? ? "C1'" A DG 5  ? ? "C2'" A DG 5  ? ? 100.86 105.90 -5.04 0.80 N 
9  1 "O4'" A DG 5  ? ? "C1'" A DG 5  ? ? N9    A DG 5  ? ? 115.84 108.30 7.54  0.30 N 
10 1 "O4'" A DC 7  ? ? "C1'" A DC 7  ? ? N1    A DC 7  ? ? 113.60 108.30 5.30  0.30 N 
11 1 "O4'" B DG 9  ? ? "C1'" B DG 9  ? ? N9    B DG 9  ? ? 115.01 108.30 6.71  0.30 N 
12 1 "O4'" B DG 10 ? ? "C1'" B DG 10 ? ? N9    B DG 10 ? ? 110.69 108.30 2.39  0.30 N 
13 1 "O4'" B DC 12 ? ? "C1'" B DC 12 ? ? N1    B DC 12 ? ? 120.87 108.30 12.57 0.30 N 
14 1 N1    B DC 12 ? ? C2    B DC 12 ? ? O2    B DC 12 ? ? 123.21 118.90 4.31  0.60 N 
15 1 "C5'" B DC 13 ? ? "C4'" B DC 13 ? ? "O4'" B DC 13 ? ? 117.32 109.80 7.52  1.10 N 
16 1 "O4'" B DA 14 ? ? "C1'" B DA 14 ? ? "C2'" B DA 14 ? ? 99.81  105.90 -6.09 0.80 N 
17 1 "O4'" B DA 14 ? ? "C1'" B DA 14 ? ? N9    B DA 14 ? ? 111.56 108.30 3.25  0.30 N 
18 1 "O4'" B DG 15 ? ? "C1'" B DG 15 ? ? N9    B DG 15 ? ? 111.15 108.30 2.85  0.30 N 
19 1 "O4'" B DG 16 ? ? "C1'" B DG 16 ? ? "C2'" B DG 16 ? ? 100.65 105.90 -5.25 0.80 N 
20 1 "O4'" B DG 16 ? ? "C1'" B DG 16 ? ? N9    B DG 16 ? ? 118.89 108.30 10.59 0.30 N 
# 
_pdbx_validate_planes.id              1 
_pdbx_validate_planes.PDB_model_num   1 
_pdbx_validate_planes.auth_comp_id    DA 
_pdbx_validate_planes.auth_asym_id    B 
_pdbx_validate_planes.auth_seq_id     11 
_pdbx_validate_planes.PDB_ins_code    ? 
_pdbx_validate_planes.label_alt_id    ? 
_pdbx_validate_planes.rmsd            0.082 
_pdbx_validate_planes.type            'SIDE CHAIN' 
# 
_pdbx_nmr_ensemble.entry_id                             1AU5 
_pdbx_nmr_ensemble.conformers_calculated_total_number   1 
_pdbx_nmr_ensemble.conformers_submitted_total_number    1 
_pdbx_nmr_ensemble.conformer_selection_criteria         ? 
# 
_pdbx_nmr_exptl_sample_conditions.conditions_id       1 
_pdbx_nmr_exptl_sample_conditions.temperature         275 
_pdbx_nmr_exptl_sample_conditions.pressure            '1 ATM SOLVENT SYSTEM : H2O/D2O' 
_pdbx_nmr_exptl_sample_conditions.pH                  7 
_pdbx_nmr_exptl_sample_conditions.ionic_strength      '150 mM NACL' 
_pdbx_nmr_exptl_sample_conditions.pressure_units      . 
_pdbx_nmr_exptl_sample_conditions.temperature_units   K 
# 
loop_
_pdbx_nmr_exptl.experiment_id 
_pdbx_nmr_exptl.conditions_id 
_pdbx_nmr_exptl.type 
_pdbx_nmr_exptl.solution_id 
1 1 2D1HNOESY 1 
2 1 TOCSY     1 
# 
_pdbx_nmr_refine.entry_id           1AU5 
_pdbx_nmr_refine.method             'NOE-RESTRAINED REFINEMENT SPEDREF' 
_pdbx_nmr_refine.details            ? 
_pdbx_nmr_refine.software_ordinal   1 
# 
loop_
_pdbx_nmr_software.classification 
_pdbx_nmr_software.name 
_pdbx_nmr_software.version 
_pdbx_nmr_software.authors 
_pdbx_nmr_software.ordinal 
refinement           X-PLOR ? BRUNGER 1 
'structure solution' X-PLOR ? ?       2 
'structure solution' QUANTA ? ?       3 
# 
loop_
_chem_comp_atom.comp_id 
_chem_comp_atom.atom_id 
_chem_comp_atom.type_symbol 
_chem_comp_atom.pdbx_aromatic_flag 
_chem_comp_atom.pdbx_stereo_config 
_chem_comp_atom.pdbx_ordinal 
CPT PT1    PT N N 1   
CPT N1     N  N N 2   
CPT N2     N  N N 3   
CPT H11    H  N N 4   
CPT H12    H  N N 5   
CPT H21    H  N N 6   
CPT H22    H  N N 7   
CPT CL2    CL N N 8   
CPT CL1    CL N N 9   
CPT H13    H  N N 10  
CPT H23    H  N N 11  
DA  OP3    O  N N 12  
DA  P      P  N N 13  
DA  OP1    O  N N 14  
DA  OP2    O  N N 15  
DA  "O5'"  O  N N 16  
DA  "C5'"  C  N N 17  
DA  "C4'"  C  N R 18  
DA  "O4'"  O  N N 19  
DA  "C3'"  C  N S 20  
DA  "O3'"  O  N N 21  
DA  "C2'"  C  N N 22  
DA  "C1'"  C  N R 23  
DA  N9     N  Y N 24  
DA  C8     C  Y N 25  
DA  N7     N  Y N 26  
DA  C5     C  Y N 27  
DA  C6     C  Y N 28  
DA  N6     N  N N 29  
DA  N1     N  Y N 30  
DA  C2     C  Y N 31  
DA  N3     N  Y N 32  
DA  C4     C  Y N 33  
DA  HOP3   H  N N 34  
DA  HOP2   H  N N 35  
DA  "H5'"  H  N N 36  
DA  "H5''" H  N N 37  
DA  "H4'"  H  N N 38  
DA  "H3'"  H  N N 39  
DA  "HO3'" H  N N 40  
DA  "H2'"  H  N N 41  
DA  "H2''" H  N N 42  
DA  "H1'"  H  N N 43  
DA  H8     H  N N 44  
DA  H61    H  N N 45  
DA  H62    H  N N 46  
DA  H2     H  N N 47  
DC  OP3    O  N N 48  
DC  P      P  N N 49  
DC  OP1    O  N N 50  
DC  OP2    O  N N 51  
DC  "O5'"  O  N N 52  
DC  "C5'"  C  N N 53  
DC  "C4'"  C  N R 54  
DC  "O4'"  O  N N 55  
DC  "C3'"  C  N S 56  
DC  "O3'"  O  N N 57  
DC  "C2'"  C  N N 58  
DC  "C1'"  C  N R 59  
DC  N1     N  N N 60  
DC  C2     C  N N 61  
DC  O2     O  N N 62  
DC  N3     N  N N 63  
DC  C4     C  N N 64  
DC  N4     N  N N 65  
DC  C5     C  N N 66  
DC  C6     C  N N 67  
DC  HOP3   H  N N 68  
DC  HOP2   H  N N 69  
DC  "H5'"  H  N N 70  
DC  "H5''" H  N N 71  
DC  "H4'"  H  N N 72  
DC  "H3'"  H  N N 73  
DC  "HO3'" H  N N 74  
DC  "H2'"  H  N N 75  
DC  "H2''" H  N N 76  
DC  "H1'"  H  N N 77  
DC  H41    H  N N 78  
DC  H42    H  N N 79  
DC  H5     H  N N 80  
DC  H6     H  N N 81  
DG  OP3    O  N N 82  
DG  P      P  N N 83  
DG  OP1    O  N N 84  
DG  OP2    O  N N 85  
DG  "O5'"  O  N N 86  
DG  "C5'"  C  N N 87  
DG  "C4'"  C  N R 88  
DG  "O4'"  O  N N 89  
DG  "C3'"  C  N S 90  
DG  "O3'"  O  N N 91  
DG  "C2'"  C  N N 92  
DG  "C1'"  C  N R 93  
DG  N9     N  Y N 94  
DG  C8     C  Y N 95  
DG  N7     N  Y N 96  
DG  C5     C  Y N 97  
DG  C6     C  N N 98  
DG  O6     O  N N 99  
DG  N1     N  N N 100 
DG  C2     C  N N 101 
DG  N2     N  N N 102 
DG  N3     N  N N 103 
DG  C4     C  Y N 104 
DG  HOP3   H  N N 105 
DG  HOP2   H  N N 106 
DG  "H5'"  H  N N 107 
DG  "H5''" H  N N 108 
DG  "H4'"  H  N N 109 
DG  "H3'"  H  N N 110 
DG  "HO3'" H  N N 111 
DG  "H2'"  H  N N 112 
DG  "H2''" H  N N 113 
DG  "H1'"  H  N N 114 
DG  H8     H  N N 115 
DG  H1     H  N N 116 
DG  H21    H  N N 117 
DG  H22    H  N N 118 
DT  OP3    O  N N 119 
DT  P      P  N N 120 
DT  OP1    O  N N 121 
DT  OP2    O  N N 122 
DT  "O5'"  O  N N 123 
DT  "C5'"  C  N N 124 
DT  "C4'"  C  N R 125 
DT  "O4'"  O  N N 126 
DT  "C3'"  C  N S 127 
DT  "O3'"  O  N N 128 
DT  "C2'"  C  N N 129 
DT  "C1'"  C  N R 130 
DT  N1     N  N N 131 
DT  C2     C  N N 132 
DT  O2     O  N N 133 
DT  N3     N  N N 134 
DT  C4     C  N N 135 
DT  O4     O  N N 136 
DT  C5     C  N N 137 
DT  C7     C  N N 138 
DT  C6     C  N N 139 
DT  HOP3   H  N N 140 
DT  HOP2   H  N N 141 
DT  "H5'"  H  N N 142 
DT  "H5''" H  N N 143 
DT  "H4'"  H  N N 144 
DT  "H3'"  H  N N 145 
DT  "HO3'" H  N N 146 
DT  "H2'"  H  N N 147 
DT  "H2''" H  N N 148 
DT  "H1'"  H  N N 149 
DT  H3     H  N N 150 
DT  H71    H  N N 151 
DT  H72    H  N N 152 
DT  H73    H  N N 153 
DT  H6     H  N N 154 
# 
loop_
_chem_comp_bond.comp_id 
_chem_comp_bond.atom_id_1 
_chem_comp_bond.atom_id_2 
_chem_comp_bond.value_order 
_chem_comp_bond.pdbx_aromatic_flag 
_chem_comp_bond.pdbx_stereo_config 
_chem_comp_bond.pdbx_ordinal 
CPT PT1   N1     sing N N 1   
CPT PT1   N2     sing N N 2   
CPT N1    H11    sing N N 3   
CPT N1    H12    sing N N 4   
CPT N1    H13    sing N N 5   
CPT N2    H21    sing N N 6   
CPT N2    H22    sing N N 7   
CPT N2    H23    sing N N 8   
CPT CL2   PT1    sing N N 9   
CPT CL1   PT1    sing N N 10  
DA  OP3   P      sing N N 11  
DA  OP3   HOP3   sing N N 12  
DA  P     OP1    doub N N 13  
DA  P     OP2    sing N N 14  
DA  P     "O5'"  sing N N 15  
DA  OP2   HOP2   sing N N 16  
DA  "O5'" "C5'"  sing N N 17  
DA  "C5'" "C4'"  sing N N 18  
DA  "C5'" "H5'"  sing N N 19  
DA  "C5'" "H5''" sing N N 20  
DA  "C4'" "O4'"  sing N N 21  
DA  "C4'" "C3'"  sing N N 22  
DA  "C4'" "H4'"  sing N N 23  
DA  "O4'" "C1'"  sing N N 24  
DA  "C3'" "O3'"  sing N N 25  
DA  "C3'" "C2'"  sing N N 26  
DA  "C3'" "H3'"  sing N N 27  
DA  "O3'" "HO3'" sing N N 28  
DA  "C2'" "C1'"  sing N N 29  
DA  "C2'" "H2'"  sing N N 30  
DA  "C2'" "H2''" sing N N 31  
DA  "C1'" N9     sing N N 32  
DA  "C1'" "H1'"  sing N N 33  
DA  N9    C8     sing Y N 34  
DA  N9    C4     sing Y N 35  
DA  C8    N7     doub Y N 36  
DA  C8    H8     sing N N 37  
DA  N7    C5     sing Y N 38  
DA  C5    C6     sing Y N 39  
DA  C5    C4     doub Y N 40  
DA  C6    N6     sing N N 41  
DA  C6    N1     doub Y N 42  
DA  N6    H61    sing N N 43  
DA  N6    H62    sing N N 44  
DA  N1    C2     sing Y N 45  
DA  C2    N3     doub Y N 46  
DA  C2    H2     sing N N 47  
DA  N3    C4     sing Y N 48  
DC  OP3   P      sing N N 49  
DC  OP3   HOP3   sing N N 50  
DC  P     OP1    doub N N 51  
DC  P     OP2    sing N N 52  
DC  P     "O5'"  sing N N 53  
DC  OP2   HOP2   sing N N 54  
DC  "O5'" "C5'"  sing N N 55  
DC  "C5'" "C4'"  sing N N 56  
DC  "C5'" "H5'"  sing N N 57  
DC  "C5'" "H5''" sing N N 58  
DC  "C4'" "O4'"  sing N N 59  
DC  "C4'" "C3'"  sing N N 60  
DC  "C4'" "H4'"  sing N N 61  
DC  "O4'" "C1'"  sing N N 62  
DC  "C3'" "O3'"  sing N N 63  
DC  "C3'" "C2'"  sing N N 64  
DC  "C3'" "H3'"  sing N N 65  
DC  "O3'" "HO3'" sing N N 66  
DC  "C2'" "C1'"  sing N N 67  
DC  "C2'" "H2'"  sing N N 68  
DC  "C2'" "H2''" sing N N 69  
DC  "C1'" N1     sing N N 70  
DC  "C1'" "H1'"  sing N N 71  
DC  N1    C2     sing N N 72  
DC  N1    C6     sing N N 73  
DC  C2    O2     doub N N 74  
DC  C2    N3     sing N N 75  
DC  N3    C4     doub N N 76  
DC  C4    N4     sing N N 77  
DC  C4    C5     sing N N 78  
DC  N4    H41    sing N N 79  
DC  N4    H42    sing N N 80  
DC  C5    C6     doub N N 81  
DC  C5    H5     sing N N 82  
DC  C6    H6     sing N N 83  
DG  OP3   P      sing N N 84  
DG  OP3   HOP3   sing N N 85  
DG  P     OP1    doub N N 86  
DG  P     OP2    sing N N 87  
DG  P     "O5'"  sing N N 88  
DG  OP2   HOP2   sing N N 89  
DG  "O5'" "C5'"  sing N N 90  
DG  "C5'" "C4'"  sing N N 91  
DG  "C5'" "H5'"  sing N N 92  
DG  "C5'" "H5''" sing N N 93  
DG  "C4'" "O4'"  sing N N 94  
DG  "C4'" "C3'"  sing N N 95  
DG  "C4'" "H4'"  sing N N 96  
DG  "O4'" "C1'"  sing N N 97  
DG  "C3'" "O3'"  sing N N 98  
DG  "C3'" "C2'"  sing N N 99  
DG  "C3'" "H3'"  sing N N 100 
DG  "O3'" "HO3'" sing N N 101 
DG  "C2'" "C1'"  sing N N 102 
DG  "C2'" "H2'"  sing N N 103 
DG  "C2'" "H2''" sing N N 104 
DG  "C1'" N9     sing N N 105 
DG  "C1'" "H1'"  sing N N 106 
DG  N9    C8     sing Y N 107 
DG  N9    C4     sing Y N 108 
DG  C8    N7     doub Y N 109 
DG  C8    H8     sing N N 110 
DG  N7    C5     sing Y N 111 
DG  C5    C6     sing N N 112 
DG  C5    C4     doub Y N 113 
DG  C6    O6     doub N N 114 
DG  C6    N1     sing N N 115 
DG  N1    C2     sing N N 116 
DG  N1    H1     sing N N 117 
DG  C2    N2     sing N N 118 
DG  C2    N3     doub N N 119 
DG  N2    H21    sing N N 120 
DG  N2    H22    sing N N 121 
DG  N3    C4     sing N N 122 
DT  OP3   P      sing N N 123 
DT  OP3   HOP3   sing N N 124 
DT  P     OP1    doub N N 125 
DT  P     OP2    sing N N 126 
DT  P     "O5'"  sing N N 127 
DT  OP2   HOP2   sing N N 128 
DT  "O5'" "C5'"  sing N N 129 
DT  "C5'" "C4'"  sing N N 130 
DT  "C5'" "H5'"  sing N N 131 
DT  "C5'" "H5''" sing N N 132 
DT  "C4'" "O4'"  sing N N 133 
DT  "C4'" "C3'"  sing N N 134 
DT  "C4'" "H4'"  sing N N 135 
DT  "O4'" "C1'"  sing N N 136 
DT  "C3'" "O3'"  sing N N 137 
DT  "C3'" "C2'"  sing N N 138 
DT  "C3'" "H3'"  sing N N 139 
DT  "O3'" "HO3'" sing N N 140 
DT  "C2'" "C1'"  sing N N 141 
DT  "C2'" "H2'"  sing N N 142 
DT  "C2'" "H2''" sing N N 143 
DT  "C1'" N1     sing N N 144 
DT  "C1'" "H1'"  sing N N 145 
DT  N1    C2     sing N N 146 
DT  N1    C6     sing N N 147 
DT  C2    O2     doub N N 148 
DT  C2    N3     sing N N 149 
DT  N3    C4     sing N N 150 
DT  N3    H3     sing N N 151 
DT  C4    O4     doub N N 152 
DT  C4    C5     sing N N 153 
DT  C5    C7     sing N N 154 
DT  C5    C6     doub N N 155 
DT  C7    H71    sing N N 156 
DT  C7    H72    sing N N 157 
DT  C7    H73    sing N N 158 
DT  C6    H6     sing N N 159 
# 
loop_
_ndb_struct_conf_na.entry_id 
_ndb_struct_conf_na.feature 
1AU5 'double helix'         
1AU5 'b-form double helix'  
1AU5 'mismatched base pair' 
# 
loop_
_ndb_struct_na_base_pair.model_number 
_ndb_struct_na_base_pair.i_label_asym_id 
_ndb_struct_na_base_pair.i_label_comp_id 
_ndb_struct_na_base_pair.i_label_seq_id 
_ndb_struct_na_base_pair.i_symmetry 
_ndb_struct_na_base_pair.j_label_asym_id 
_ndb_struct_na_base_pair.j_label_comp_id 
_ndb_struct_na_base_pair.j_label_seq_id 
_ndb_struct_na_base_pair.j_symmetry 
_ndb_struct_na_base_pair.shear 
_ndb_struct_na_base_pair.stretch 
_ndb_struct_na_base_pair.stagger 
_ndb_struct_na_base_pair.buckle 
_ndb_struct_na_base_pair.propeller 
_ndb_struct_na_base_pair.opening 
_ndb_struct_na_base_pair.pair_number 
_ndb_struct_na_base_pair.pair_name 
_ndb_struct_na_base_pair.i_auth_asym_id 
_ndb_struct_na_base_pair.i_auth_seq_id 
_ndb_struct_na_base_pair.i_PDB_ins_code 
_ndb_struct_na_base_pair.j_auth_asym_id 
_ndb_struct_na_base_pair.j_auth_seq_id 
_ndb_struct_na_base_pair.j_PDB_ins_code 
_ndb_struct_na_base_pair.hbond_type_28 
_ndb_struct_na_base_pair.hbond_type_12 
1 A DC 1 1_555 B DG 8 1_555 -0.157 0.026  -0.049 10.237  11.931  1.904  1 A_DC1:DG16_B A 1 ? B 16 ? 19 1 
1 A DC 2 1_555 B DG 7 1_555 1.176  -0.650 0.292  8.264   -31.255 -6.400 2 A_DC2:DG15_B A 2 ? B 15 ? 19 1 
1 A DT 3 1_555 B DA 6 1_555 0.039  -0.003 1.011  -21.398 -25.584 8.696  3 A_DT3:DA14_B A 3 ? B 14 ? ?  1 
1 A DG 4 1_555 B DC 5 1_555 -0.479 -0.422 -0.560 -12.524 -39.686 6.001  4 A_DG4:DC13_B A 4 ? B 13 ? 19 1 
1 A DG 5 1_555 B DC 4 1_555 -0.880 -0.356 0.262  -16.637 1.474   -3.720 5 A_DG5:DC12_B A 5 ? B 12 ? 19 1 
1 A DT 6 1_555 B DA 3 1_555 0.293  -0.002 0.333  -0.196  -3.572  14.785 6 A_DT6:DA11_B A 6 ? B 11 ? 20 1 
1 A DC 7 1_555 B DG 2 1_555 0.651  -0.225 -0.529 6.449   -16.777 7.067  7 A_DC7:DG10_B A 7 ? B 10 ? 19 1 
1 A DC 8 1_555 B DG 1 1_555 0.828  0.046  0.082  -8.387  12.614  7.272  8 A_DC8:DG9_B  A 8 ? B 9  ? 19 1 
# 
loop_
_ndb_struct_na_base_pair_step.model_number 
_ndb_struct_na_base_pair_step.i_label_asym_id_1 
_ndb_struct_na_base_pair_step.i_label_comp_id_1 
_ndb_struct_na_base_pair_step.i_label_seq_id_1 
_ndb_struct_na_base_pair_step.i_symmetry_1 
_ndb_struct_na_base_pair_step.j_label_asym_id_1 
_ndb_struct_na_base_pair_step.j_label_comp_id_1 
_ndb_struct_na_base_pair_step.j_label_seq_id_1 
_ndb_struct_na_base_pair_step.j_symmetry_1 
_ndb_struct_na_base_pair_step.i_label_asym_id_2 
_ndb_struct_na_base_pair_step.i_label_comp_id_2 
_ndb_struct_na_base_pair_step.i_label_seq_id_2 
_ndb_struct_na_base_pair_step.i_symmetry_2 
_ndb_struct_na_base_pair_step.j_label_asym_id_2 
_ndb_struct_na_base_pair_step.j_label_comp_id_2 
_ndb_struct_na_base_pair_step.j_label_seq_id_2 
_ndb_struct_na_base_pair_step.j_symmetry_2 
_ndb_struct_na_base_pair_step.shift 
_ndb_struct_na_base_pair_step.slide 
_ndb_struct_na_base_pair_step.rise 
_ndb_struct_na_base_pair_step.tilt 
_ndb_struct_na_base_pair_step.roll 
_ndb_struct_na_base_pair_step.twist 
_ndb_struct_na_base_pair_step.x_displacement 
_ndb_struct_na_base_pair_step.y_displacement 
_ndb_struct_na_base_pair_step.helical_rise 
_ndb_struct_na_base_pair_step.inclination 
_ndb_struct_na_base_pair_step.tip 
_ndb_struct_na_base_pair_step.helical_twist 
_ndb_struct_na_base_pair_step.step_number 
_ndb_struct_na_base_pair_step.step_name 
_ndb_struct_na_base_pair_step.i_auth_asym_id_1 
_ndb_struct_na_base_pair_step.i_auth_seq_id_1 
_ndb_struct_na_base_pair_step.i_PDB_ins_code_1 
_ndb_struct_na_base_pair_step.j_auth_asym_id_1 
_ndb_struct_na_base_pair_step.j_auth_seq_id_1 
_ndb_struct_na_base_pair_step.j_PDB_ins_code_1 
_ndb_struct_na_base_pair_step.i_auth_asym_id_2 
_ndb_struct_na_base_pair_step.i_auth_seq_id_2 
_ndb_struct_na_base_pair_step.i_PDB_ins_code_2 
_ndb_struct_na_base_pair_step.j_auth_asym_id_2 
_ndb_struct_na_base_pair_step.j_auth_seq_id_2 
_ndb_struct_na_base_pair_step.j_PDB_ins_code_2 
1 A DC 1 1_555 B DG 8 1_555 A DC 2 1_555 B DG 7 1_555 -0.292 0.039  4.074 2.680   -36.439 41.453 2.847  0.524  3.099 -42.892 
-3.154  54.719 1 AA_DC1DC2:DG15DG16_BB A 1 ? B 16 ? A 2 ? B 15 ? 
1 A DC 2 1_555 B DG 7 1_555 A DT 3 1_555 B DA 6 1_555 0.452  -1.475 3.933 4.843   0.741   34.866 -2.572 0.123  3.927 1.229   
-8.033  35.198 2 AA_DC2DT3:DA14DG15_BB A 2 ? B 15 ? A 3 ? B 14 ? 
1 A DT 3 1_555 B DA 6 1_555 A DG 4 1_555 B DC 5 1_555 -0.684 0.859  3.269 9.052   4.005   29.774 0.845  2.951  3.024 7.536   
-17.034 31.341 3 AA_DT3DG4:DC13DA14_BB A 3 ? B 14 ? A 4 ? B 13 ? 
1 A DG 4 1_555 B DC 5 1_555 A DG 5 1_555 B DC 4 1_555 0.993  -0.369 3.721 -12.224 41.033  21.442 -3.967 -2.274 1.148 61.927  
18.448  47.658 4 AA_DG4DG5:DC12DC13_BB A 4 ? B 13 ? A 5 ? B 12 ? 
1 A DG 5 1_555 B DC 4 1_555 A DT 6 1_555 B DA 3 1_555 0.170  -0.874 2.729 3.297   2.380   30.085 -2.065 0.223  2.657 4.559   
-6.315  30.352 5 AA_DG5DT6:DA11DC12_BB A 5 ? B 12 ? A 6 ? B 11 ? 
1 A DT 6 1_555 B DA 3 1_555 A DC 7 1_555 B DG 2 1_555 0.047  0.032  3.040 10.296  -15.134 41.392 1.313  0.804  2.801 -20.262 
-13.785 45.096 6 AA_DT6DC7:DG10DA11_BB A 6 ? B 11 ? A 7 ? B 10 ? 
1 A DC 7 1_555 B DG 2 1_555 A DC 8 1_555 B DG 1 1_555 0.238  -1.593 3.877 -8.801  -5.488  35.089 -1.620 -1.856 3.904 -8.867  
14.218  36.543 7 AA_DC7DC8:DG9DG10_BB  A 7 ? B 10 ? A 8 ? B 9  ? 
# 
_pdbx_nmr_spectrometer.spectrometer_id   1 
_pdbx_nmr_spectrometer.model             VXR500 
_pdbx_nmr_spectrometer.manufacturer      Varian 
_pdbx_nmr_spectrometer.field_strength    500 
# 
_atom_sites.entry_id                    1AU5 
_atom_sites.fract_transf_matrix[1][1]   1.000000 
_atom_sites.fract_transf_matrix[1][2]   0.000000 
_atom_sites.fract_transf_matrix[1][3]   0.000000 
_atom_sites.fract_transf_matrix[2][1]   0.000000 
_atom_sites.fract_transf_matrix[2][2]   1.000000 
_atom_sites.fract_transf_matrix[2][3]   0.000000 
_atom_sites.fract_transf_matrix[3][1]   0.000000 
_atom_sites.fract_transf_matrix[3][2]   0.000000 
_atom_sites.fract_transf_matrix[3][3]   1.000000 
_atom_sites.fract_transf_vector[1]      0.00000 
_atom_sites.fract_transf_vector[2]      0.00000 
_atom_sites.fract_transf_vector[3]      0.00000 
# 
loop_
_atom_type.symbol 
C  
H  
N  
O  
P  
PT 
# 
loop_
_atom_site.group_PDB 
_atom_site.id 
_atom_site.type_symbol 
_atom_site.label_atom_id 
_atom_site.label_alt_id 
_atom_site.label_comp_id 
_atom_site.label_asym_id 
_atom_site.label_entity_id 
_atom_site.label_seq_id 
_atom_site.pdbx_PDB_ins_code 
_atom_site.Cartn_x 
_atom_site.Cartn_y 
_atom_site.Cartn_z 
_atom_site.occupancy 
_atom_site.B_iso_or_equiv 
_atom_site.pdbx_formal_charge 
_atom_site.auth_seq_id 
_atom_site.auth_comp_id 
_atom_site.auth_asym_id 
_atom_site.auth_atom_id 
_atom_site.pdbx_PDB_model_num 
ATOM   1   O  "O5'"  . DC  A 1 1 ? -3.892  -2.137  -12.992 1.00 0.00 ? 1  DC  A "O5'"  1 
ATOM   2   C  "C5'"  . DC  A 1 1 ? -5.223  -2.665  -12.972 1.00 0.00 ? 1  DC  A "C5'"  1 
ATOM   3   C  "C4'"  . DC  A 1 1 ? -5.483  -3.576  -11.794 1.00 0.00 ? 1  DC  A "C4'"  1 
ATOM   4   O  "O4'"  . DC  A 1 1 ? -4.586  -4.709  -11.826 1.00 0.00 ? 1  DC  A "O4'"  1 
ATOM   5   C  "C3'"  . DC  A 1 1 ? -5.314  -2.879  -10.438 1.00 0.00 ? 1  DC  A "C3'"  1 
ATOM   6   O  "O3'"  . DC  A 1 1 ? -6.181  -3.562  -9.544  1.00 0.00 ? 1  DC  A "O3'"  1 
ATOM   7   C  "C2'"  . DC  A 1 1 ? -3.853  -3.207  -10.223 1.00 0.00 ? 1  DC  A "C2'"  1 
ATOM   8   C  "C1'"  . DC  A 1 1 ? -3.676  -4.628  -10.717 1.00 0.00 ? 1  DC  A "C1'"  1 
ATOM   9   N  N1     . DC  A 1 1 ? -2.255  -4.820  -11.106 1.00 0.00 ? 1  DC  A N1     1 
ATOM   10  C  C2     . DC  A 1 1 ? -1.433  -5.579  -10.282 1.00 0.00 ? 1  DC  A C2     1 
ATOM   11  O  O2     . DC  A 1 1 ? -1.885  -6.126  -9.280  1.00 0.00 ? 1  DC  A O2     1 
ATOM   12  N  N3     . DC  A 1 1 ? -0.117  -5.711  -10.610 1.00 0.00 ? 1  DC  A N3     1 
ATOM   13  C  C4     . DC  A 1 1 ? 0.394   -5.137  -11.707 1.00 0.00 ? 1  DC  A C4     1 
ATOM   14  N  N4     . DC  A 1 1 ? 1.694   -5.280  -11.985 1.00 0.00 ? 1  DC  A N4     1 
ATOM   15  C  C5     . DC  A 1 1 ? -0.438  -4.366  -12.582 1.00 0.00 ? 1  DC  A C5     1 
ATOM   16  C  C6     . DC  A 1 1 ? -1.770  -4.238  -12.237 1.00 0.00 ? 1  DC  A C6     1 
ATOM   17  H  "H5'"  . DC  A 1 1 ? -5.387  -3.274  -13.854 1.00 0.00 ? 1  DC  A "H5'"  1 
ATOM   18  H  "H5''" . DC  A 1 1 ? -5.937  -1.850  -12.917 1.00 0.00 ? 1  DC  A "H5''" 1 
ATOM   19  H  "H4'"  . DC  A 1 1 ? -6.494  -3.981  -11.893 1.00 0.00 ? 1  DC  A "H4'"  1 
ATOM   20  H  "H3'"  . DC  A 1 1 ? -5.539  -1.802  -10.373 1.00 0.00 ? 1  DC  A "H3'"  1 
ATOM   21  H  "H2'"  . DC  A 1 1 ? -3.264  -2.548  -10.867 1.00 0.00 ? 1  DC  A "H2'"  1 
ATOM   22  H  "H2''" . DC  A 1 1 ? -3.517  -3.144  -9.200  1.00 0.00 ? 1  DC  A "H2''" 1 
ATOM   23  H  "H1'"  . DC  A 1 1 ? -3.939  -5.343  -9.938  1.00 0.00 ? 1  DC  A "H1'"  1 
ATOM   24  H  H41    . DC  A 1 1 ? 2.322   -5.734  -11.335 1.00 0.00 ? 1  DC  A H41    1 
ATOM   25  H  H42    . DC  A 1 1 ? 2.059   -4.933  -12.859 1.00 0.00 ? 1  DC  A H42    1 
ATOM   26  H  H5     . DC  A 1 1 ? -0.054  -3.902  -13.465 1.00 0.00 ? 1  DC  A H5     1 
ATOM   27  H  H6     . DC  A 1 1 ? -2.451  -3.679  -12.853 1.00 0.00 ? 1  DC  A H6     1 
ATOM   28  H  "HO5'" . DC  A 1 1 ? -3.812  -1.580  -12.217 1.00 0.00 ? 1  DC  A "HO5'" 1 
ATOM   29  P  P      . DC  A 1 2 ? -7.045  -2.907  -8.354  1.00 0.00 ? 2  DC  A P      1 
ATOM   30  O  OP1    . DC  A 1 2 ? -8.462  -2.800  -8.774  1.00 0.00 ? 2  DC  A OP1    1 
ATOM   31  O  OP2    . DC  A 1 2 ? -6.329  -1.728  -7.816  1.00 0.00 ? 2  DC  A OP2    1 
ATOM   32  O  "O5'"  . DC  A 1 2 ? -6.903  -4.120  -7.313  1.00 0.00 ? 2  DC  A "O5'"  1 
ATOM   33  C  "C5'"  . DC  A 1 2 ? -7.092  -5.462  -7.787  1.00 0.00 ? 2  DC  A "C5'"  1 
ATOM   34  C  "C4'"  . DC  A 1 2 ? -5.926  -6.393  -7.389  1.00 0.00 ? 2  DC  A "C4'"  1 
ATOM   35  O  "O4'"  . DC  A 1 2 ? -4.663  -5.820  -7.836  1.00 0.00 ? 2  DC  A "O4'"  1 
ATOM   36  C  "C3'"  . DC  A 1 2 ? -5.852  -6.535  -5.846  1.00 0.00 ? 2  DC  A "C3'"  1 
ATOM   37  O  "O3'"  . DC  A 1 2 ? -5.760  -7.877  -5.320  1.00 0.00 ? 2  DC  A "O3'"  1 
ATOM   38  C  "C2'"  . DC  A 1 2 ? -4.585  -5.760  -5.543  1.00 0.00 ? 2  DC  A "C2'"  1 
ATOM   39  C  "C1'"  . DC  A 1 2 ? -3.697  -5.862  -6.766  1.00 0.00 ? 2  DC  A "C1'"  1 
ATOM   40  N  N1     . DC  A 1 2 ? -2.731  -4.726  -6.751  1.00 0.00 ? 2  DC  A N1     1 
ATOM   41  C  C2     . DC  A 1 2 ? -1.376  -4.999  -6.580  1.00 0.00 ? 2  DC  A C2     1 
ATOM   42  O  O2     . DC  A 1 2 ? -0.981  -6.143  -6.361  1.00 0.00 ? 2  DC  A O2     1 
ATOM   43  N  N3     . DC  A 1 2 ? -0.490  -3.977  -6.632  1.00 0.00 ? 2  DC  A N3     1 
ATOM   44  C  C4     . DC  A 1 2 ? -0.882  -2.714  -6.829  1.00 0.00 ? 2  DC  A C4     1 
ATOM   45  N  N4     . DC  A 1 2 ? 0.059   -1.773  -6.911  1.00 0.00 ? 2  DC  A N4     1 
ATOM   46  C  C5     . DC  A 1 2 ? -2.273  -2.390  -6.970  1.00 0.00 ? 2  DC  A C5     1 
ATOM   47  C  C6     . DC  A 1 2 ? -3.168  -3.446  -6.921  1.00 0.00 ? 2  DC  A C6     1 
ATOM   48  H  "H5'"  . DC  A 1 2 ? -7.204  -5.420  -8.878  1.00 0.00 ? 2  DC  A "H5'"  1 
ATOM   49  H  "H5''" . DC  A 1 2 ? -8.015  -5.833  -7.347  1.00 0.00 ? 2  DC  A "H5''" 1 
ATOM   50  H  "H4'"  . DC  A 1 2 ? -6.065  -7.377  -7.859  1.00 0.00 ? 2  DC  A "H4'"  1 
ATOM   51  H  "H3'"  . DC  A 1 2 ? -6.759  -6.072  -5.414  1.00 0.00 ? 2  DC  A "H3'"  1 
ATOM   52  H  "H2'"  . DC  A 1 2 ? -4.868  -4.712  -5.452  1.00 0.00 ? 2  DC  A "H2'"  1 
ATOM   53  H  "H2''" . DC  A 1 2 ? -4.049  -6.129  -4.671  1.00 0.00 ? 2  DC  A "H2''" 1 
ATOM   54  H  "H1'"  . DC  A 1 2 ? -3.112  -6.779  -6.844  1.00 0.00 ? 2  DC  A "H1'"  1 
ATOM   55  H  H41    . DC  A 1 2 ? 1.012   -2.110  -6.887  1.00 0.00 ? 2  DC  A H41    1 
ATOM   56  H  H42    . DC  A 1 2 ? -0.162  -0.791  -7.012  1.00 0.00 ? 2  DC  A H42    1 
ATOM   57  H  H5     . DC  A 1 2 ? -2.622  -1.386  -7.112  1.00 0.00 ? 2  DC  A H5     1 
ATOM   58  H  H6     . DC  A 1 2 ? -4.225  -3.288  -7.009  1.00 0.00 ? 2  DC  A H6     1 
ATOM   59  P  P      . DT  A 1 3 ? -5.834  -8.152  -3.715  1.00 0.00 ? 3  DT  A P      1 
ATOM   60  O  OP1    . DT  A 1 3 ? -6.195  -9.570  -3.491  1.00 0.00 ? 3  DT  A OP1    1 
ATOM   61  O  OP2    . DT  A 1 3 ? -6.659  -7.083  -3.106  1.00 0.00 ? 3  DT  A OP2    1 
ATOM   62  O  "O5'"  . DT  A 1 3 ? -4.302  -7.948  -3.187  1.00 0.00 ? 3  DT  A "O5'"  1 
ATOM   63  C  "C5'"  . DT  A 1 3 ? -3.396  -9.062  -3.032  1.00 0.00 ? 3  DT  A "C5'"  1 
ATOM   64  C  "C4'"  . DT  A 1 3 ? -2.027  -8.709  -2.349  1.00 0.00 ? 3  DT  A "C4'"  1 
ATOM   65  O  "O4'"  . DT  A 1 3 ? -1.240  -7.730  -3.070  1.00 0.00 ? 3  DT  A "O4'"  1 
ATOM   66  C  "C3'"  . DT  A 1 3 ? -2.098  -8.204  -0.889  1.00 0.00 ? 3  DT  A "C3'"  1 
ATOM   67  O  "O3'"  . DT  A 1 3 ? -2.176  -9.388  -0.046  1.00 0.00 ? 3  DT  A "O3'"  1 
ATOM   68  C  "C2'"  . DT  A 1 3 ? -0.706  -7.517  -0.776  1.00 0.00 ? 3  DT  A "C2'"  1 
ATOM   69  C  "C1'"  . DT  A 1 3 ? -0.323  -7.038  -2.182  1.00 0.00 ? 3  DT  A "C1'"  1 
ATOM   70  N  N1     . DT  A 1 3 ? -0.397  -5.549  -2.356  1.00 0.00 ? 3  DT  A N1     1 
ATOM   71  C  C2     . DT  A 1 3 ? 0.789   -4.820  -2.317  1.00 0.00 ? 3  DT  A C2     1 
ATOM   72  O  O2     . DT  A 1 3 ? 1.891   -5.314  -2.094  1.00 0.00 ? 3  DT  A O2     1 
ATOM   73  N  N3     . DT  A 1 3 ? 0.679   -3.460  -2.533  1.00 0.00 ? 3  DT  A N3     1 
ATOM   74  C  C4     . DT  A 1 3 ? -0.482  -2.745  -2.753  1.00 0.00 ? 3  DT  A C4     1 
ATOM   75  O  O4     . DT  A 1 3 ? -0.436  -1.523  -2.909  1.00 0.00 ? 3  DT  A O4     1 
ATOM   76  C  C5     . DT  A 1 3 ? -1.685  -3.559  -2.769  1.00 0.00 ? 3  DT  A C5     1 
ATOM   77  C  C7     . DT  A 1 3 ? -3.044  -2.832  -3.026  1.00 0.00 ? 3  DT  A C7     1 
ATOM   78  C  C6     . DT  A 1 3 ? -1.597  -4.914  -2.569  1.00 0.00 ? 3  DT  A C6     1 
ATOM   79  H  "H5'"  . DT  A 1 3 ? -3.213  -9.502  -4.019  1.00 0.00 ? 3  DT  A "H5'"  1 
ATOM   80  H  "H5''" . DT  A 1 3 ? -3.921  -9.845  -2.474  1.00 0.00 ? 3  DT  A "H5''" 1 
ATOM   81  H  "H4'"  . DT  A 1 3 ? -1.473  -9.645  -2.316  1.00 0.00 ? 3  DT  A "H4'"  1 
ATOM   82  H  "H3'"  . DT  A 1 3 ? -2.920  -7.480  -0.750  1.00 0.00 ? 3  DT  A "H3'"  1 
ATOM   83  H  "H2'"  . DT  A 1 3 ? -0.679  -6.599  -0.187  1.00 0.00 ? 3  DT  A "H2'"  1 
ATOM   84  H  "H2''" . DT  A 1 3 ? 0.018   -8.251  -0.381  1.00 0.00 ? 3  DT  A "H2''" 1 
ATOM   85  H  "H1'"  . DT  A 1 3 ? 0.728   -7.331  -2.375  1.00 0.00 ? 3  DT  A "H1'"  1 
ATOM   86  H  H3     . DT  A 1 3 ? 1.546   -2.945  -2.550  1.00 0.00 ? 3  DT  A H3     1 
ATOM   87  H  H71    . DT  A 1 3 ? -2.882  -1.753  -3.104  1.00 0.00 ? 3  DT  A H71    1 
ATOM   88  H  H72    . DT  A 1 3 ? -3.760  -2.977  -2.217  1.00 0.00 ? 3  DT  A H72    1 
ATOM   89  H  H73    . DT  A 1 3 ? -3.501  -3.144  -3.966  1.00 0.00 ? 3  DT  A H73    1 
ATOM   90  H  H6     . DT  A 1 3 ? -2.432  -5.580  -2.553  1.00 0.00 ? 3  DT  A H6     1 
ATOM   91  P  P      . DG  A 1 4 ? -2.431  -9.460  1.564   1.00 0.00 ? 4  DG  A P      1 
ATOM   92  O  OP1    . DG  A 1 4 ? -2.578  -10.874 1.967   1.00 0.00 ? 4  DG  A OP1    1 
ATOM   93  O  OP2    . DG  A 1 4 ? -3.497  -8.486  1.890   1.00 0.00 ? 4  DG  A OP2    1 
ATOM   94  O  "O5'"  . DG  A 1 4 ? -1.062  -8.911  2.231   1.00 0.00 ? 4  DG  A "O5'"  1 
ATOM   95  C  "C5'"  . DG  A 1 4 ? -0.005  -9.797  2.644   1.00 0.00 ? 4  DG  A "C5'"  1 
ATOM   96  C  "C4'"  . DG  A 1 4 ? 1.312   -9.038  2.836   1.00 0.00 ? 4  DG  A "C4'"  1 
ATOM   97  O  "O4'"  . DG  A 1 4 ? 1.603   -8.257  1.656   1.00 0.00 ? 4  DG  A "O4'"  1 
ATOM   98  C  "C3'"  . DG  A 1 4 ? 1.327   -8.022  3.983   1.00 0.00 ? 4  DG  A "C3'"  1 
ATOM   99  O  "O3'"  . DG  A 1 4 ? 1.345   -8.570  5.310   1.00 0.00 ? 4  DG  A "O3'"  1 
ATOM   100 C  "C2'"  . DG  A 1 4 ? 2.550   -7.225  3.543   1.00 0.00 ? 4  DG  A "C2'"  1 
ATOM   101 C  "C1'"  . DG  A 1 4 ? 2.274   -7.039  2.053   1.00 0.00 ? 4  DG  A "C1'"  1 
ATOM   102 N  N9     . DG  A 1 4 ? 1.567   -5.770  1.784   1.00 0.00 ? 4  DG  A N9     1 
ATOM   103 C  C8     . DG  A 1 4 ? 0.266   -5.402  2.020   1.00 0.00 ? 4  DG  A C8     1 
ATOM   104 N  N7     . DG  A 1 4 ? -0.028  -4.200  1.654   1.00 0.00 ? 4  DG  A N7     1 
ATOM   105 C  C5     . DG  A 1 4 ? 1.177   -3.699  1.160   1.00 0.00 ? 4  DG  A C5     1 
ATOM   106 C  C6     . DG  A 1 4 ? 1.486   -2.427  0.644   1.00 0.00 ? 4  DG  A C6     1 
ATOM   107 O  O6     . DG  A 1 4 ? 0.731   -1.480  0.445   1.00 0.00 ? 4  DG  A O6     1 
ATOM   108 N  N1     . DG  A 1 4 ? 2.829   -2.326  0.333   1.00 0.00 ? 4  DG  A N1     1 
ATOM   109 C  C2     . DG  A 1 4 ? 3.781   -3.331  0.434   1.00 0.00 ? 4  DG  A C2     1 
ATOM   110 N  N2     . DG  A 1 4 ? 5.035   -2.997  0.111   1.00 0.00 ? 4  DG  A N2     1 
ATOM   111 N  N3     . DG  A 1 4 ? 3.464   -4.563  0.837   1.00 0.00 ? 4  DG  A N3     1 
ATOM   112 C  C4     . DG  A 1 4 ? 2.157   -4.657  1.225   1.00 0.00 ? 4  DG  A C4     1 
ATOM   113 H  "H5'"  . DG  A 1 4 ? 0.135   -10.592 1.900   1.00 0.00 ? 4  DG  A "H5'"  1 
ATOM   114 H  "H5''" . DG  A 1 4 ? -0.286  -10.274 3.588   1.00 0.00 ? 4  DG  A "H5''" 1 
ATOM   115 H  "H4'"  . DG  A 1 4 ? 2.130   -9.729  3.001   1.00 0.00 ? 4  DG  A "H4'"  1 
ATOM   116 H  "H3'"  . DG  A 1 4 ? 0.447   -7.402  3.914   1.00 0.00 ? 4  DG  A "H3'"  1 
ATOM   117 H  "H2'"  . DG  A 1 4 ? 2.736   -6.281  4.061   1.00 0.00 ? 4  DG  A "H2'"  1 
ATOM   118 H  "H2''" . DG  A 1 4 ? 3.434   -7.855  3.650   1.00 0.00 ? 4  DG  A "H2''" 1 
ATOM   119 H  "H1'"  . DG  A 1 4 ? 3.191   -6.958  1.458   1.00 0.00 ? 4  DG  A "H1'"  1 
ATOM   120 H  H8     . DG  A 1 4 ? -0.511  -5.987  2.507   1.00 0.00 ? 4  DG  A H8     1 
ATOM   121 H  H1     . DG  A 1 4 ? 3.099   -1.406  0.015   1.00 0.00 ? 4  DG  A H1     1 
ATOM   122 H  H21    . DG  A 1 4 ? 5.321   -2.024  0.175   1.00 0.00 ? 4  DG  A H21    1 
ATOM   123 H  H22    . DG  A 1 4 ? 5.707   -3.712  -0.139  1.00 0.00 ? 4  DG  A H22    1 
ATOM   124 P  P      . DG  A 1 5 ? 0.307   -7.964  6.403   1.00 0.00 ? 5  DG  A P      1 
ATOM   125 O  OP1    . DG  A 1 5 ? 0.305   -8.854  7.581   1.00 0.00 ? 5  DG  A OP1    1 
ATOM   126 O  OP2    . DG  A 1 5 ? -0.965  -7.651  5.713   1.00 0.00 ? 5  DG  A OP2    1 
ATOM   127 O  "O5'"  . DG  A 1 5 ? 0.982   -6.563  6.824   1.00 0.00 ? 5  DG  A "O5'"  1 
ATOM   128 C  "C5'"  . DG  A 1 5 ? 2.276   -6.504  7.443   1.00 0.00 ? 5  DG  A "C5'"  1 
ATOM   129 C  "C4'"  . DG  A 1 5 ? 2.748   -5.049  7.603   1.00 0.00 ? 5  DG  A "C4'"  1 
ATOM   130 O  "O4'"  . DG  A 1 5 ? 2.612   -4.344  6.338   1.00 0.00 ? 5  DG  A "O4'"  1 
ATOM   131 C  "C3'"  . DG  A 1 5 ? 1.942   -4.288  8.654   1.00 0.00 ? 5  DG  A "C3'"  1 
ATOM   132 O  "O3'"  . DG  A 1 5 ? 2.820   -3.496  9.471   1.00 0.00 ? 5  DG  A "O3'"  1 
ATOM   133 C  "C2'"  . DG  A 1 5 ? 1.035   -3.486  7.758   1.00 0.00 ? 5  DG  A "C2'"  1 
ATOM   134 C  "C1'"  . DG  A 1 5 ? 1.913   -3.105  6.566   1.00 0.00 ? 5  DG  A "C1'"  1 
ATOM   135 N  N9     . DG  A 1 5 ? 1.103   -2.598  5.428   1.00 0.00 ? 5  DG  A N9     1 
ATOM   136 C  C8     . DG  A 1 5 ? 0.167   -3.276  4.702   1.00 0.00 ? 5  DG  A C8     1 
ATOM   137 N  N7     . DG  A 1 5 ? -0.427  -2.559  3.795   1.00 0.00 ? 5  DG  A N7     1 
ATOM   138 C  C5     . DG  A 1 5 ? 0.179   -1.317  3.885   1.00 0.00 ? 5  DG  A C5     1 
ATOM   139 C  C6     . DG  A 1 5 ? -0.035  -0.139  3.127   1.00 0.00 ? 5  DG  A C6     1 
ATOM   140 O  O6     . DG  A 1 5 ? -0.841  0.072   2.229   1.00 0.00 ? 5  DG  A O6     1 
ATOM   141 N  N1     . DG  A 1 5 ? 0.803   0.872   3.508   1.00 0.00 ? 5  DG  A N1     1 
ATOM   142 C  C2     . DG  A 1 5 ? 1.689   0.828   4.558   1.00 0.00 ? 5  DG  A C2     1 
ATOM   143 N  N2     . DG  A 1 5 ? 2.315   1.982   4.764   1.00 0.00 ? 5  DG  A N2     1 
ATOM   144 N  N3     . DG  A 1 5 ? 1.895   -0.279  5.292   1.00 0.00 ? 5  DG  A N3     1 
ATOM   145 C  C4     . DG  A 1 5 ? 1.120   -1.320  4.878   1.00 0.00 ? 5  DG  A C4     1 
ATOM   146 H  "H5'"  . DG  A 1 5 ? 2.986   -7.047  6.826   1.00 0.00 ? 5  DG  A "H5'"  1 
ATOM   147 H  "H5''" . DG  A 1 5 ? 2.242   -7.008  8.413   1.00 0.00 ? 5  DG  A "H5''" 1 
ATOM   148 H  "H4'"  . DG  A 1 5 ? 3.787   -4.973  7.916   1.00 0.00 ? 5  DG  A "H4'"  1 
ATOM   149 H  "H3'"  . DG  A 1 5 ? 1.414   -4.988  9.311   1.00 0.00 ? 5  DG  A "H3'"  1 
ATOM   150 H  "H2'"  . DG  A 1 5 ? 0.258   -4.198  7.451   1.00 0.00 ? 5  DG  A "H2'"  1 
ATOM   151 H  "H2''" . DG  A 1 5 ? 0.614   -2.605  8.242   1.00 0.00 ? 5  DG  A "H2''" 1 
ATOM   152 H  "H1'"  . DG  A 1 5 ? 2.651   -2.349  6.840   1.00 0.00 ? 5  DG  A "H1'"  1 
ATOM   153 H  H8     . DG  A 1 5 ? -0.052  -4.326  4.848   1.00 0.00 ? 5  DG  A H8     1 
ATOM   154 H  H1     . DG  A 1 5 ? 0.752   1.701   2.931   1.00 0.00 ? 5  DG  A H1     1 
ATOM   155 H  H21    . DG  A 1 5 ? 2.285   2.646   3.995   1.00 0.00 ? 5  DG  A H21    1 
ATOM   156 H  H22    . DG  A 1 5 ? 2.842   2.152   5.613   1.00 0.00 ? 5  DG  A H22    1 
ATOM   157 P  P      . DT  A 1 6 ? 2.328   -2.734  10.809  1.00 0.00 ? 6  DT  A P      1 
ATOM   158 O  OP1    . DT  A 1 6 ? 3.462   -2.698  11.760  1.00 0.00 ? 6  DT  A OP1    1 
ATOM   159 O  OP2    . DT  A 1 6 ? 1.032   -3.314  11.232  1.00 0.00 ? 6  DT  A OP2    1 
ATOM   160 O  "O5'"  . DT  A 1 6 ? 2.073   -1.239  10.253  1.00 0.00 ? 6  DT  A "O5'"  1 
ATOM   161 C  "C5'"  . DT  A 1 6 ? 3.188   -0.351  10.042  1.00 0.00 ? 6  DT  A "C5'"  1 
ATOM   162 C  "C4'"  . DT  A 1 6 ? 2.775   1.041   9.560   1.00 0.00 ? 6  DT  A "C4'"  1 
ATOM   163 O  "O4'"  . DT  A 1 6 ? 2.037   0.910   8.349   1.00 0.00 ? 6  DT  A "O4'"  1 
ATOM   164 C  "C3'"  . DT  A 1 6 ? 1.899   1.750   10.578  1.00 0.00 ? 6  DT  A "C3'"  1 
ATOM   165 O  "O3'"  . DT  A 1 6 ? 2.630   2.815   11.201  1.00 0.00 ? 6  DT  A "O3'"  1 
ATOM   166 C  "C2'"  . DT  A 1 6 ? 0.682   2.158   9.763   1.00 0.00 ? 6  DT  A "C2'"  1 
ATOM   167 C  "C1'"  . DT  A 1 6 ? 1.061   1.950   8.306   1.00 0.00 ? 6  DT  A "C1'"  1 
ATOM   168 N  N1     . DT  A 1 6 ? -0.016  1.454   7.411   1.00 0.00 ? 6  DT  A N1     1 
ATOM   169 C  C2     . DT  A 1 6 ? -0.342  2.243   6.328   1.00 0.00 ? 6  DT  A C2     1 
ATOM   170 O  O2     . DT  A 1 6 ? 0.208   3.319   6.103   1.00 0.00 ? 6  DT  A O2     1 
ATOM   171 N  N3     . DT  A 1 6 ? -1.317  1.751   5.491   1.00 0.00 ? 6  DT  A N3     1 
ATOM   172 C  C4     . DT  A 1 6 ? -2.000  0.561   5.631   1.00 0.00 ? 6  DT  A C4     1 
ATOM   173 O  O4     . DT  A 1 6 ? -2.839  0.236   4.792   1.00 0.00 ? 6  DT  A O4     1 
ATOM   174 C  C5     . DT  A 1 6 ? -1.621  -0.214  6.795   1.00 0.00 ? 6  DT  A C5     1 
ATOM   175 C  C7     . DT  A 1 6 ? -2.360  -1.560  7.052   1.00 0.00 ? 6  DT  A C7     1 
ATOM   176 C  C6     . DT  A 1 6 ? -0.646  0.251   7.630   1.00 0.00 ? 6  DT  A C6     1 
ATOM   177 H  "H5'"  . DT  A 1 6 ? 3.846   -0.791  9.297   1.00 0.00 ? 6  DT  A "H5'"  1 
ATOM   178 H  "H5''" . DT  A 1 6 ? 3.708   -0.245  10.993  1.00 0.00 ? 6  DT  A "H5''" 1 
ATOM   179 H  "H4'"  . DT  A 1 6 ? 3.603   1.718   9.366   1.00 0.00 ? 6  DT  A "H4'"  1 
ATOM   180 H  "H3'"  . DT  A 1 6 ? 1.622   1.026   11.337  1.00 0.00 ? 6  DT  A "H3'"  1 
ATOM   181 H  "H2'"  . DT  A 1 6 ? -0.112  1.479   10.063  1.00 0.00 ? 6  DT  A "H2'"  1 
ATOM   182 H  "H2''" . DT  A 1 6 ? 0.404   3.198   9.931   1.00 0.00 ? 6  DT  A "H2''" 1 
ATOM   183 H  "H1'"  . DT  A 1 6 ? 1.438   2.905   7.933   1.00 0.00 ? 6  DT  A "H1'"  1 
ATOM   184 H  H3     . DT  A 1 6 ? -1.533  2.334   4.695   1.00 0.00 ? 6  DT  A H3     1 
ATOM   185 H  H71    . DT  A 1 6 ? -1.674  -2.405  7.089   1.00 0.00 ? 6  DT  A H71    1 
ATOM   186 H  H72    . DT  A 1 6 ? -3.068  -1.759  6.242   1.00 0.00 ? 6  DT  A H72    1 
ATOM   187 H  H73    . DT  A 1 6 ? -2.945  -1.526  7.972   1.00 0.00 ? 6  DT  A H73    1 
ATOM   188 H  H6     . DT  A 1 6 ? -0.299  -0.292  8.487   1.00 0.00 ? 6  DT  A H6     1 
ATOM   189 P  P      . DC  A 1 7 ? 1.967   3.993   12.084  1.00 0.00 ? 7  DC  A P      1 
ATOM   190 O  OP1    . DC  A 1 7 ? 2.925   4.394   13.141  1.00 0.00 ? 7  DC  A OP1    1 
ATOM   191 O  OP2    . DC  A 1 7 ? 0.585   3.600   12.444  1.00 0.00 ? 7  DC  A OP2    1 
ATOM   192 O  "O5'"  . DC  A 1 7 ? 1.869   5.163   11.000  1.00 0.00 ? 7  DC  A "O5'"  1 
ATOM   193 C  "C5'"  . DC  A 1 7 ? 2.989   5.550   10.193  1.00 0.00 ? 7  DC  A "C5'"  1 
ATOM   194 C  "C4'"  . DC  A 1 7 ? 2.490   6.278   8.948   1.00 0.00 ? 7  DC  A "C4'"  1 
ATOM   195 O  "O4'"  . DC  A 1 7 ? 1.530   5.390   8.344   1.00 0.00 ? 7  DC  A "O4'"  1 
ATOM   196 C  "C3'"  . DC  A 1 7 ? 1.748   7.554   9.352   1.00 0.00 ? 7  DC  A "C3'"  1 
ATOM   197 O  "O3'"  . DC  A 1 7 ? 2.289   8.788   8.845   1.00 0.00 ? 7  DC  A "O3'"  1 
ATOM   198 C  "C2'"  . DC  A 1 7 ? 0.354   7.242   8.915   1.00 0.00 ? 7  DC  A "C2'"  1 
ATOM   199 C  "C1'"  . DC  A 1 7 ? 0.423   6.174   7.898   1.00 0.00 ? 7  DC  A "C1'"  1 
ATOM   200 N  N1     . DC  A 1 7 ? -0.859  5.416   7.836   1.00 0.00 ? 7  DC  A N1     1 
ATOM   201 C  C2     . DC  A 1 7 ? -1.531  5.356   6.632   1.00 0.00 ? 7  DC  A C2     1 
ATOM   202 O  O2     . DC  A 1 7 ? -1.139  6.025   5.686   1.00 0.00 ? 7  DC  A O2     1 
ATOM   203 N  N3     . DC  A 1 7 ? -2.642  4.585   6.525   1.00 0.00 ? 7  DC  A N3     1 
ATOM   204 C  C4     . DC  A 1 7 ? -3.117  3.898   7.569   1.00 0.00 ? 7  DC  A C4     1 
ATOM   205 N  N4     . DC  A 1 7 ? -4.203  3.138   7.401   1.00 0.00 ? 7  DC  A N4     1 
ATOM   206 C  C5     . DC  A 1 7 ? -2.469  3.974   8.840   1.00 0.00 ? 7  DC  A C5     1 
ATOM   207 C  C6     . DC  A 1 7 ? -1.342  4.766   8.927   1.00 0.00 ? 7  DC  A C6     1 
ATOM   208 H  "H5'"  . DC  A 1 7 ? 3.543   4.657   9.902   1.00 0.00 ? 7  DC  A "H5'"  1 
ATOM   209 H  "H5''" . DC  A 1 7 ? 3.618   6.213   10.783  1.00 0.00 ? 7  DC  A "H5''" 1 
ATOM   210 H  "H4'"  . DC  A 1 7 ? 3.258   6.549   8.221   1.00 0.00 ? 7  DC  A "H4'"  1 
ATOM   211 H  "H3'"  . DC  A 1 7 ? 1.686   7.594   10.434  1.00 0.00 ? 7  DC  A "H3'"  1 
ATOM   212 H  "H2'"  . DC  A 1 7 ? -0.119  6.778   9.769   1.00 0.00 ? 7  DC  A "H2'"  1 
ATOM   213 H  "H2''" . DC  A 1 7 ? -0.149  8.090   8.470   1.00 0.00 ? 7  DC  A "H2''" 1 
ATOM   214 H  "H1'"  . DC  A 1 7 ? 0.641   6.652   6.961   1.00 0.00 ? 7  DC  A "H1'"  1 
ATOM   215 H  H41    . DC  A 1 7 ? -4.678  3.184   6.510   1.00 0.00 ? 7  DC  A H41    1 
ATOM   216 H  H42    . DC  A 1 7 ? -4.557  2.554   8.149   1.00 0.00 ? 7  DC  A H42    1 
ATOM   217 H  H5     . DC  A 1 7 ? -2.819  3.454   9.696   1.00 0.00 ? 7  DC  A H5     1 
ATOM   218 H  H6     . DC  A 1 7 ? -0.856  4.909   9.869   1.00 0.00 ? 7  DC  A H6     1 
ATOM   219 P  P      . DC  A 1 8 ? 1.549   10.220  9.055   1.00 0.00 ? 8  DC  A P      1 
ATOM   220 O  OP1    . DC  A 1 8 ? 2.503   11.297  8.711   1.00 0.00 ? 8  DC  A OP1    1 
ATOM   221 O  OP2    . DC  A 1 8 ? 0.872   10.222  10.371  1.00 0.00 ? 8  DC  A OP2    1 
ATOM   222 O  "O5'"  . DC  A 1 8 ? 0.417   10.148  7.892   1.00 0.00 ? 8  DC  A "O5'"  1 
ATOM   223 C  "C5'"  . DC  A 1 8 ? 0.896   9.977   6.552   1.00 0.00 ? 8  DC  A "C5'"  1 
ATOM   224 C  "C4'"  . DC  A 1 8 ? -0.152  10.121  5.431   1.00 0.00 ? 8  DC  A "C4'"  1 
ATOM   225 O  "O4'"  . DC  A 1 8 ? -1.147  9.090   5.459   1.00 0.00 ? 8  DC  A "O4'"  1 
ATOM   226 C  "C3'"  . DC  A 1 8 ? -0.877  11.468  5.454   1.00 0.00 ? 8  DC  A "C3'"  1 
ATOM   227 O  "O3'"  . DC  A 1 8 ? -1.055  11.958  4.116   1.00 0.00 ? 8  DC  A "O3'"  1 
ATOM   228 C  "C2'"  . DC  A 1 8 ? -2.210  11.035  6.042   1.00 0.00 ? 8  DC  A "C2'"  1 
ATOM   229 C  "C1'"  . DC  A 1 8 ? -2.441  9.701   5.386   1.00 0.00 ? 8  DC  A "C1'"  1 
ATOM   230 N  N1     . DC  A 1 8 ? -3.389  8.819   6.098   1.00 0.00 ? 8  DC  A N1     1 
ATOM   231 C  C2     . DC  A 1 8 ? -4.624  8.518   5.550   1.00 0.00 ? 8  DC  A C2     1 
ATOM   232 O  O2     . DC  A 1 8 ? -4.991  9.033   4.499   1.00 0.00 ? 8  DC  A O2     1 
ATOM   233 N  N3     . DC  A 1 8 ? -5.420  7.632   6.204   1.00 0.00 ? 8  DC  A N3     1 
ATOM   234 C  C4     . DC  A 1 8 ? -5.034  7.050   7.351   1.00 0.00 ? 8  DC  A C4     1 
ATOM   235 N  N4     . DC  A 1 8 ? -5.865  6.178   7.923   1.00 0.00 ? 8  DC  A N4     1 
ATOM   236 C  C5     . DC  A 1 8 ? -3.762  7.362   7.937   1.00 0.00 ? 8  DC  A C5     1 
ATOM   237 C  C6     . DC  A 1 8 ? -2.991  8.278   7.268   1.00 0.00 ? 8  DC  A C6     1 
ATOM   238 H  "H5'"  . DC  A 1 8 ? 1.324   8.974   6.516   1.00 0.00 ? 8  DC  A "H5'"  1 
ATOM   239 H  "H5''" . DC  A 1 8 ? 1.674   10.731  6.412   1.00 0.00 ? 8  DC  A "H5''" 1 
ATOM   240 H  "H4'"  . DC  A 1 8 ? 0.312   10.036  4.452   1.00 0.00 ? 8  DC  A "H4'"  1 
ATOM   241 H  "H3'"  . DC  A 1 8 ? -0.292  12.146  6.076   1.00 0.00 ? 8  DC  A "H3'"  1 
ATOM   242 H  "HO3'" . DC  A 1 8 ? -1.893  11.612  3.796   1.00 0.00 ? 8  DC  A "HO3'" 1 
ATOM   243 H  "H2'"  . DC  A 1 8 ? -2.098  10.897  7.117   1.00 0.00 ? 8  DC  A "H2'"  1 
ATOM   244 H  "H2''" . DC  A 1 8 ? -3.066  11.666  5.799   1.00 0.00 ? 8  DC  A "H2''" 1 
ATOM   245 H  "H1'"  . DC  A 1 8 ? -2.712  9.824   4.342   1.00 0.00 ? 8  DC  A "H1'"  1 
ATOM   246 H  H41    . DC  A 1 8 ? -6.748  5.996   7.464   1.00 0.00 ? 8  DC  A H41    1 
ATOM   247 H  H42    . DC  A 1 8 ? -5.627  5.715   8.788   1.00 0.00 ? 8  DC  A H42    1 
ATOM   248 H  H5     . DC  A 1 8 ? -3.334  6.941   8.823   1.00 0.00 ? 8  DC  A H5     1 
ATOM   249 H  H6     . DC  A 1 8 ? -2.060  8.608   7.663   1.00 0.00 ? 8  DC  A H6     1 
ATOM   250 O  "O5'"  . DG  B 2 1 ? -13.921 4.224   -0.029  1.00 0.00 ? 9  DG  B "O5'"  1 
ATOM   251 C  "C5'"  . DG  B 2 1 ? -14.122 5.384   -0.843  1.00 0.00 ? 9  DG  B "C5'"  1 
ATOM   252 C  "C4'"  . DG  B 2 1 ? -12.852 6.219   -1.033  1.00 0.00 ? 9  DG  B "C4'"  1 
ATOM   253 O  "O4'"  . DG  B 2 1 ? -12.408 6.715   0.249   1.00 0.00 ? 9  DG  B "O4'"  1 
ATOM   254 C  "C3'"  . DG  B 2 1 ? -11.727 5.376   -1.630  1.00 0.00 ? 9  DG  B "C3'"  1 
ATOM   255 O  "O3'"  . DG  B 2 1 ? -10.951 6.162   -2.539  1.00 0.00 ? 9  DG  B "O3'"  1 
ATOM   256 C  "C2'"  . DG  B 2 1 ? -11.086 4.924   -0.331  1.00 0.00 ? 9  DG  B "C2'"  1 
ATOM   257 C  "C1'"  . DG  B 2 1 ? -11.105 6.178   0.512   1.00 0.00 ? 9  DG  B "C1'"  1 
ATOM   258 N  N9     . DG  B 2 1 ? -10.804 5.942   1.937   1.00 0.00 ? 9  DG  B N9     1 
ATOM   259 C  C8     . DG  B 2 1 ? -11.495 5.223   2.868   1.00 0.00 ? 9  DG  B C8     1 
ATOM   260 N  N7     . DG  B 2 1 ? -10.923 5.183   4.045   1.00 0.00 ? 9  DG  B N7     1 
ATOM   261 C  C5     . DG  B 2 1 ? -9.771  5.955   3.881   1.00 0.00 ? 9  DG  B C5     1 
ATOM   262 C  C6     . DG  B 2 1 ? -8.729  6.289   4.807   1.00 0.00 ? 9  DG  B C6     1 
ATOM   263 O  O6     . DG  B 2 1 ? -8.602  5.953   5.984   1.00 0.00 ? 9  DG  B O6     1 
ATOM   264 N  N1     . DG  B 2 1 ? -7.768  7.103   4.216   1.00 0.00 ? 9  DG  B N1     1 
ATOM   265 C  C2     . DG  B 2 1 ? -7.792  7.529   2.905   1.00 0.00 ? 9  DG  B C2     1 
ATOM   266 N  N2     . DG  B 2 1 ? -6.783  8.292   2.494   1.00 0.00 ? 9  DG  B N2     1 
ATOM   267 N  N3     . DG  B 2 1 ? -8.757  7.211   2.044   1.00 0.00 ? 9  DG  B N3     1 
ATOM   268 C  C4     . DG  B 2 1 ? -9.706  6.426   2.596   1.00 0.00 ? 9  DG  B C4     1 
ATOM   269 H  "H5'"  . DG  B 2 1 ? -14.860 5.996   -0.332  1.00 0.00 ? 9  DG  B "H5'"  1 
ATOM   270 H  "H5''" . DG  B 2 1 ? -14.473 5.038   -1.812  1.00 0.00 ? 9  DG  B "H5''" 1 
ATOM   271 H  "H4'"  . DG  B 2 1 ? -12.976 7.082   -1.700  1.00 0.00 ? 9  DG  B "H4'"  1 
ATOM   272 H  "H3'"  . DG  B 2 1 ? -12.065 4.553   -2.250  1.00 0.00 ? 9  DG  B "H3'"  1 
ATOM   273 H  "H2'"  . DG  B 2 1 ? -11.786 4.231   0.131   1.00 0.00 ? 9  DG  B "H2'"  1 
ATOM   274 H  "H2''" . DG  B 2 1 ? -10.122 4.432   -0.413  1.00 0.00 ? 9  DG  B "H2''" 1 
ATOM   275 H  "H1'"  . DG  B 2 1 ? -10.363 6.870   0.143   1.00 0.00 ? 9  DG  B "H1'"  1 
ATOM   276 H  H8     . DG  B 2 1 ? -12.442 4.745   2.604   1.00 0.00 ? 9  DG  B H8     1 
ATOM   277 H  H1     . DG  B 2 1 ? -6.996  7.396   4.795   1.00 0.00 ? 9  DG  B H1     1 
ATOM   278 H  H21    . DG  B 2 1 ? -6.075  8.603   3.149   1.00 0.00 ? 9  DG  B H21    1 
ATOM   279 H  H22    . DG  B 2 1 ? -6.721  8.481   1.505   1.00 0.00 ? 9  DG  B H22    1 
ATOM   280 H  "HO5'" . DG  B 2 1 ? -13.255 3.691   -0.470  1.00 0.00 ? 9  DG  B "HO5'" 1 
ATOM   281 P  P      . DG  B 2 2 ? -9.573  5.628   -3.180  1.00 0.00 ? 10 DG  B P      1 
ATOM   282 O  OP1    . DG  B 2 2 ? -9.388  6.201   -4.531  1.00 0.00 ? 10 DG  B OP1    1 
ATOM   283 O  OP2    . DG  B 2 2 ? -9.469  4.166   -2.956  1.00 0.00 ? 10 DG  B OP2    1 
ATOM   284 O  "O5'"  . DG  B 2 2 ? -8.595  6.387   -2.176  1.00 0.00 ? 10 DG  B "O5'"  1 
ATOM   285 C  "C5'"  . DG  B 2 2 ? -8.490  7.817   -2.240  1.00 0.00 ? 10 DG  B "C5'"  1 
ATOM   286 C  "C4'"  . DG  B 2 2 ? -7.127  8.262   -1.749  1.00 0.00 ? 10 DG  B "C4'"  1 
ATOM   287 O  "O4'"  . DG  B 2 2 ? -6.863  7.932   -0.368  1.00 0.00 ? 10 DG  B "O4'"  1 
ATOM   288 C  "C3'"  . DG  B 2 2 ? -6.039  7.639   -2.612  1.00 0.00 ? 10 DG  B "C3'"  1 
ATOM   289 O  "O3'"  . DG  B 2 2 ? -5.036  8.620   -2.897  1.00 0.00 ? 10 DG  B "O3'"  1 
ATOM   290 C  "C2'"  . DG  B 2 2 ? -5.648  6.473   -1.723  1.00 0.00 ? 10 DG  B "C2'"  1 
ATOM   291 C  "C1'"  . DG  B 2 2 ? -5.727  7.054   -0.306  1.00 0.00 ? 10 DG  B "C1'"  1 
ATOM   292 N  N9     . DG  B 2 2 ? -5.917  6.032   0.734   1.00 0.00 ? 10 DG  B N9     1 
ATOM   293 C  C8     . DG  B 2 2 ? -6.794  4.993   0.803   1.00 0.00 ? 10 DG  B C8     1 
ATOM   294 N  N7     . DG  B 2 2 ? -6.687  4.265   1.880   1.00 0.00 ? 10 DG  B N7     1 
ATOM   295 C  C5     . DG  B 2 2 ? -5.656  4.883   2.581   1.00 0.00 ? 10 DG  B C5     1 
ATOM   296 C  C6     . DG  B 2 2 ? -5.073  4.569   3.836   1.00 0.00 ? 10 DG  B C6     1 
ATOM   297 O  O6     . DG  B 2 2 ? -5.376  3.677   4.627   1.00 0.00 ? 10 DG  B O6     1 
ATOM   298 N  N1     . DG  B 2 2 ? -4.035  5.437   4.135   1.00 0.00 ? 10 DG  B N1     1 
ATOM   299 C  C2     . DG  B 2 2 ? -3.650  6.517   3.362   1.00 0.00 ? 10 DG  B C2     1 
ATOM   300 N  N2     . DG  B 2 2 ? -2.649  7.264   3.804   1.00 0.00 ? 10 DG  B N2     1 
ATOM   301 N  N3     . DG  B 2 2 ? -4.217  6.833   2.210   1.00 0.00 ? 10 DG  B N3     1 
ATOM   302 C  C4     . DG  B 2 2 ? -5.190  5.962   1.881   1.00 0.00 ? 10 DG  B C4     1 
ATOM   303 H  "H5'"  . DG  B 2 2 ? -9.297  8.296   -1.679  1.00 0.00 ? 10 DG  B "H5'"  1 
ATOM   304 H  "H5''" . DG  B 2 2 ? -8.553  8.147   -3.278  1.00 0.00 ? 10 DG  B "H5''" 1 
ATOM   305 H  "H4'"  . DG  B 2 2 ? -7.040  9.330   -1.863  1.00 0.00 ? 10 DG  B "H4'"  1 
ATOM   306 H  "H3'"  . DG  B 2 2 ? -6.462  7.334   -3.573  1.00 0.00 ? 10 DG  B "H3'"  1 
ATOM   307 H  "H2'"  . DG  B 2 2 ? -6.436  5.730   -1.878  1.00 0.00 ? 10 DG  B "H2'"  1 
ATOM   308 H  "H2''" . DG  B 2 2 ? -4.700  5.992   -1.958  1.00 0.00 ? 10 DG  B "H2''" 1 
ATOM   309 H  "H1'"  . DG  B 2 2 ? -4.839  7.612   0.021   1.00 0.00 ? 10 DG  B "H1'"  1 
ATOM   310 H  H8     . DG  B 2 2 ? -7.506  4.821   0.007   1.00 0.00 ? 10 DG  B H8     1 
ATOM   311 H  H1     . DG  B 2 2 ? -3.530  5.232   4.984   1.00 0.00 ? 10 DG  B H1     1 
ATOM   312 H  H21    . DG  B 2 2 ? -2.108  6.963   4.605   1.00 0.00 ? 10 DG  B H21    1 
ATOM   313 H  H22    . DG  B 2 2 ? -2.398  8.094   3.285   1.00 0.00 ? 10 DG  B H22    1 
ATOM   314 P  P      . DA  B 2 3 ? -3.679  8.288   -3.686  1.00 0.00 ? 11 DA  B P      1 
ATOM   315 O  OP1    . DA  B 2 3 ? -3.447  9.340   -4.702  1.00 0.00 ? 11 DA  B OP1    1 
ATOM   316 O  OP2    . DA  B 2 3 ? -3.694  6.859   -4.078  1.00 0.00 ? 11 DA  B OP2    1 
ATOM   317 O  "O5'"  . DA  B 2 3 ? -2.635  8.486   -2.477  1.00 0.00 ? 11 DA  B "O5'"  1 
ATOM   318 C  "C5'"  . DA  B 2 3 ? -2.533  9.762   -1.826  1.00 0.00 ? 11 DA  B "C5'"  1 
ATOM   319 C  "C4'"  . DA  B 2 3 ? -1.700  9.700   -0.551  1.00 0.00 ? 11 DA  B "C4'"  1 
ATOM   320 O  "O4'"  . DA  B 2 3 ? -2.187  8.754   0.411   1.00 0.00 ? 11 DA  B "O4'"  1 
ATOM   321 C  "C3'"  . DA  B 2 3 ? -0.264  9.380   -0.873  1.00 0.00 ? 11 DA  B "C3'"  1 
ATOM   322 O  "O3'"  . DA  B 2 3 ? 0.560   10.431  -0.360  1.00 0.00 ? 11 DA  B "O3'"  1 
ATOM   323 C  "C2'"  . DA  B 2 3 ? -0.040  8.053   -0.231  1.00 0.00 ? 11 DA  B "C2'"  1 
ATOM   324 C  "C1'"  . DA  B 2 3 ? -1.108  7.891   0.789   1.00 0.00 ? 11 DA  B "C1'"  1 
ATOM   325 N  N9     . DA  B 2 3 ? -1.629  6.532   0.716   1.00 0.00 ? 11 DA  B N9     1 
ATOM   326 C  C8     . DA  B 2 3 ? -2.457  5.990   -0.205  1.00 0.00 ? 11 DA  B C8     1 
ATOM   327 N  N7     . DA  B 2 3 ? -2.920  4.806   0.120   1.00 0.00 ? 11 DA  B N7     1 
ATOM   328 C  C5     . DA  B 2 3 ? -2.259  4.537   1.325   1.00 0.00 ? 11 DA  B C5     1 
ATOM   329 C  C6     . DA  B 2 3 ? -2.273  3.459   2.236   1.00 0.00 ? 11 DA  B C6     1 
ATOM   330 N  N6     . DA  B 2 3 ? -3.034  2.368   2.142   1.00 0.00 ? 11 DA  B N6     1 
ATOM   331 N  N1     . DA  B 2 3 ? -1.451  3.562   3.288   1.00 0.00 ? 11 DA  B N1     1 
ATOM   332 C  C2     . DA  B 2 3 ? -0.679  4.630   3.432   1.00 0.00 ? 11 DA  B C2     1 
ATOM   333 N  N3     . DA  B 2 3 ? -0.602  5.696   2.684   1.00 0.00 ? 11 DA  B N3     1 
ATOM   334 C  C4     . DA  B 2 3 ? -1.431  5.576   1.640   1.00 0.00 ? 11 DA  B C4     1 
ATOM   335 H  "H5'"  . DA  B 2 3 ? -3.518  10.204  -1.656  1.00 0.00 ? 11 DA  B "H5'"  1 
ATOM   336 H  "H5''" . DA  B 2 3 ? -1.990  10.413  -2.498  1.00 0.00 ? 11 DA  B "H5''" 1 
ATOM   337 H  "H4'"  . DA  B 2 3 ? -1.621  10.653  -0.050  1.00 0.00 ? 11 DA  B "H4'"  1 
ATOM   338 H  "H3'"  . DA  B 2 3 ? -0.150  9.251   -1.952  1.00 0.00 ? 11 DA  B "H3'"  1 
ATOM   339 H  "H2'"  . DA  B 2 3 ? -0.208  7.313   -1.007  1.00 0.00 ? 11 DA  B "H2'"  1 
ATOM   340 H  "H2''" . DA  B 2 3 ? 0.930   7.941   0.268   1.00 0.00 ? 11 DA  B "H2''" 1 
ATOM   341 H  "H1'"  . DA  B 2 3 ? -0.733  8.053   1.797   1.00 0.00 ? 11 DA  B "H1'"  1 
ATOM   342 H  H8     . DA  B 2 3 ? -2.619  6.575   -1.111  1.00 0.00 ? 11 DA  B H8     1 
ATOM   343 H  H61    . DA  B 2 3 ? -2.997  1.681   2.881   1.00 0.00 ? 11 DA  B H61    1 
ATOM   344 H  H62    . DA  B 2 3 ? -3.632  2.217   1.344   1.00 0.00 ? 11 DA  B H62    1 
ATOM   345 H  H2     . DA  B 2 3 ? 0.018   4.685   4.260   1.00 0.00 ? 11 DA  B H2     1 
ATOM   346 P  P      . DC  B 2 4 ? 1.849   10.895  -1.186  1.00 0.00 ? 12 DC  B P      1 
ATOM   347 O  OP1    . DC  B 2 4 ? 2.576   11.902  -0.382  1.00 0.00 ? 12 DC  B OP1    1 
ATOM   348 O  OP2    . DC  B 2 4 ? 1.425   11.211  -2.570  1.00 0.00 ? 12 DC  B OP2    1 
ATOM   349 O  "O5'"  . DC  B 2 4 ? 2.673   9.501   -1.169  1.00 0.00 ? 12 DC  B "O5'"  1 
ATOM   350 C  "C5'"  . DC  B 2 4 ? 3.494   9.153   -0.042  1.00 0.00 ? 12 DC  B "C5'"  1 
ATOM   351 C  "C4'"  . DC  B 2 4 ? 3.578   7.656   0.291   1.00 0.00 ? 12 DC  B "C4'"  1 
ATOM   352 O  "O4'"  . DC  B 2 4 ? 2.303   7.015   0.519   1.00 0.00 ? 12 DC  B "O4'"  1 
ATOM   353 C  "C3'"  . DC  B 2 4 ? 4.137   6.859   -0.858  1.00 0.00 ? 12 DC  B "C3'"  1 
ATOM   354 O  "O3'"  . DC  B 2 4 ? 5.569   6.907   -0.937  1.00 0.00 ? 12 DC  B "O3'"  1 
ATOM   355 C  "C2'"  . DC  B 2 4 ? 3.707   5.465   -0.426  1.00 0.00 ? 12 DC  B "C2'"  1 
ATOM   356 C  "C1'"  . DC  B 2 4 ? 2.621   5.618   0.609   1.00 0.00 ? 12 DC  B "C1'"  1 
ATOM   357 N  N1     . DC  B 2 4 ? 1.580   4.582   0.381   1.00 0.00 ? 12 DC  B N1     1 
ATOM   358 C  C2     . DC  B 2 4 ? 1.463   3.560   1.319   1.00 0.00 ? 12 DC  B C2     1 
ATOM   359 O  O2     . DC  B 2 4 ? 2.163   3.488   2.325   1.00 0.00 ? 12 DC  B O2     1 
ATOM   360 N  N3     . DC  B 2 4 ? 0.531   2.609   1.121   1.00 0.00 ? 12 DC  B N3     1 
ATOM   361 C  C4     . DC  B 2 4 ? -0.288  2.630   0.073   1.00 0.00 ? 12 DC  B C4     1 
ATOM   362 N  N4     . DC  B 2 4 ? -1.140  1.617   0.002   1.00 0.00 ? 12 DC  B N4     1 
ATOM   363 C  C5     . DC  B 2 4 ? -0.227  3.674   -0.902  1.00 0.00 ? 12 DC  B C5     1 
ATOM   364 C  C6     . DC  B 2 4 ? 0.762   4.620   -0.712  1.00 0.00 ? 12 DC  B C6     1 
ATOM   365 H  "H5'"  . DC  B 2 4 ? 3.201   9.718   0.841   1.00 0.00 ? 12 DC  B "H5'"  1 
ATOM   366 H  "H5''" . DC  B 2 4 ? 4.493   9.449   -0.330  1.00 0.00 ? 12 DC  B "H5''" 1 
ATOM   367 H  "H4'"  . DC  B 2 4 ? 4.250   7.502   1.142   1.00 0.00 ? 12 DC  B "H4'"  1 
ATOM   368 H  "H3'"  . DC  B 2 4 ? 3.606   7.204   -1.762  1.00 0.00 ? 12 DC  B "H3'"  1 
ATOM   369 H  "H2'"  . DC  B 2 4 ? 3.237   5.071   -1.311  1.00 0.00 ? 12 DC  B "H2'"  1 
ATOM   370 H  "H2''" . DC  B 2 4 ? 4.489   4.813   -0.025  1.00 0.00 ? 12 DC  B "H2''" 1 
ATOM   371 H  "H1'"  . DC  B 2 4 ? 2.975   5.434   1.613   1.00 0.00 ? 12 DC  B "H1'"  1 
ATOM   372 H  H41    . DC  B 2 4 ? -1.118  0.998   0.808   1.00 0.00 ? 12 DC  B H41    1 
ATOM   373 H  H42    . DC  B 2 4 ? -1.756  1.449   -0.780  1.00 0.00 ? 12 DC  B H42    1 
ATOM   374 H  H5     . DC  B 2 4 ? -0.923  3.767   -1.716  1.00 0.00 ? 12 DC  B H5     1 
ATOM   375 H  H6     . DC  B 2 4 ? 0.913   5.378   -1.444  1.00 0.00 ? 12 DC  B H6     1 
ATOM   376 P  P      . DC  B 2 5 ? 6.365   6.399   -2.246  1.00 0.00 ? 13 DC  B P      1 
ATOM   377 O  OP1    . DC  B 2 5 ? 6.597   7.581   -3.102  1.00 0.00 ? 13 DC  B OP1    1 
ATOM   378 O  OP2    . DC  B 2 5 ? 5.666   5.214   -2.801  1.00 0.00 ? 13 DC  B OP2    1 
ATOM   379 O  "O5'"  . DC  B 2 5 ? 7.777   5.930   -1.629  1.00 0.00 ? 13 DC  B "O5'"  1 
ATOM   380 C  "C5'"  . DC  B 2 5 ? 8.474   4.791   -2.133  1.00 0.00 ? 13 DC  B "C5'"  1 
ATOM   381 C  "C4'"  . DC  B 2 5 ? 8.272   3.566   -1.219  1.00 0.00 ? 13 DC  B "C4'"  1 
ATOM   382 O  "O4'"  . DC  B 2 5 ? 6.920   3.206   -0.889  1.00 0.00 ? 13 DC  B "O4'"  1 
ATOM   383 C  "C3'"  . DC  B 2 5 ? 8.982   2.272   -1.596  1.00 0.00 ? 13 DC  B "C3'"  1 
ATOM   384 O  "O3'"  . DC  B 2 5 ? 9.649   1.905   -0.382  1.00 0.00 ? 13 DC  B "O3'"  1 
ATOM   385 C  "C2'"  . DC  B 2 5 ? 7.805   1.339   -1.887  1.00 0.00 ? 13 DC  B "C2'"  1 
ATOM   386 C  "C1'"  . DC  B 2 5 ? 6.817   1.767   -0.824  1.00 0.00 ? 13 DC  B "C1'"  1 
ATOM   387 N  N1     . DC  B 2 5 ? 5.399   1.408   -1.075  1.00 0.00 ? 13 DC  B N1     1 
ATOM   388 C  C2     . DC  B 2 5 ? 4.805   0.468   -0.242  1.00 0.00 ? 13 DC  B C2     1 
ATOM   389 O  O2     . DC  B 2 5 ? 5.444   -0.114  0.635   1.00 0.00 ? 13 DC  B O2     1 
ATOM   390 N  N3     . DC  B 2 5 ? 3.497   0.188   -0.427  1.00 0.00 ? 13 DC  B N3     1 
ATOM   391 C  C4     . DC  B 2 5 ? 2.771   0.765   -1.382  1.00 0.00 ? 13 DC  B C4     1 
ATOM   392 N  N4     . DC  B 2 5 ? 1.491   0.417   -1.469  1.00 0.00 ? 13 DC  B N4     1 
ATOM   393 C  C5     . DC  B 2 5 ? 3.350   1.721   -2.279  1.00 0.00 ? 13 DC  B C5     1 
ATOM   394 C  C6     . DC  B 2 5 ? 4.691   2.016   -2.085  1.00 0.00 ? 13 DC  B C6     1 
ATOM   395 H  "H5'"  . DC  B 2 5 ? 9.527   5.063   -2.106  1.00 0.00 ? 13 DC  B "H5'"  1 
ATOM   396 H  "H5''" . DC  B 2 5 ? 8.183   4.635   -3.175  1.00 0.00 ? 13 DC  B "H5''" 1 
ATOM   397 H  "H4'"  . DC  B 2 5 ? 8.700   3.828   -0.259  1.00 0.00 ? 13 DC  B "H4'"  1 
ATOM   398 H  "H3'"  . DC  B 2 5 ? 9.724   2.369   -2.396  1.00 0.00 ? 13 DC  B "H3'"  1 
ATOM   399 H  "H2'"  . DC  B 2 5 ? 7.358   1.579   -2.850  1.00 0.00 ? 13 DC  B "H2'"  1 
ATOM   400 H  "H2''" . DC  B 2 5 ? 8.039   0.265   -1.849  1.00 0.00 ? 13 DC  B "H2''" 1 
ATOM   401 H  "H1'"  . DC  B 2 5 ? 7.173   1.336   0.126   1.00 0.00 ? 13 DC  B "H1'"  1 
ATOM   402 H  H41    . DC  B 2 5 ? 1.131   -0.231  -0.777  1.00 0.00 ? 13 DC  B H41    1 
ATOM   403 H  H42    . DC  B 2 5 ? 0.890   0.782   -2.189  1.00 0.00 ? 13 DC  B H42    1 
ATOM   404 H  H5     . DC  B 2 5 ? 2.771   2.179   -3.060  1.00 0.00 ? 13 DC  B H5     1 
ATOM   405 H  H6     . DC  B 2 5 ? 5.201   2.722   -2.721  1.00 0.00 ? 13 DC  B H6     1 
ATOM   406 P  P      . DA  B 2 6 ? 11.186  1.473   -0.403  1.00 0.00 ? 14 DA  B P      1 
ATOM   407 O  OP1    . DA  B 2 6 ? 11.619  1.166   0.981   1.00 0.00 ? 14 DA  B OP1    1 
ATOM   408 O  OP2    . DA  B 2 6 ? 11.942  2.450   -1.219  1.00 0.00 ? 14 DA  B OP2    1 
ATOM   409 O  "O5'"  . DA  B 2 6 ? 11.026  0.116   -1.235  1.00 0.00 ? 14 DA  B "O5'"  1 
ATOM   410 C  "C5'"  . DA  B 2 6 ? 10.562  -1.100  -0.642  1.00 0.00 ? 14 DA  B "C5'"  1 
ATOM   411 C  "C4'"  . DA  B 2 6 ? 9.881   -1.997  -1.653  1.00 0.00 ? 14 DA  B "C4'"  1 
ATOM   412 O  "O4'"  . DA  B 2 6 ? 8.607   -1.477  -2.070  1.00 0.00 ? 14 DA  B "O4'"  1 
ATOM   413 C  "C3'"  . DA  B 2 6 ? 10.707  -2.216  -2.937  1.00 0.00 ? 14 DA  B "C3'"  1 
ATOM   414 O  "O3'"  . DA  B 2 6 ? 11.250  -3.551  -3.098  1.00 0.00 ? 14 DA  B "O3'"  1 
ATOM   415 C  "C2'"  . DA  B 2 6 ? 9.718   -1.738  -4.025  1.00 0.00 ? 14 DA  B "C2'"  1 
ATOM   416 C  "C1'"  . DA  B 2 6 ? 8.362   -2.014  -3.371  1.00 0.00 ? 14 DA  B "C1'"  1 
ATOM   417 N  N9     . DA  B 2 6 ? 7.095   -1.503  -3.941  1.00 0.00 ? 14 DA  B N9     1 
ATOM   418 C  C8     . DA  B 2 6 ? 6.863   -0.519  -4.860  1.00 0.00 ? 14 DA  B C8     1 
ATOM   419 N  N7     . DA  B 2 6 ? 5.597   -0.274  -5.091  1.00 0.00 ? 14 DA  B N7     1 
ATOM   420 C  C5     . DA  B 2 6 ? 4.935   -1.204  -4.289  1.00 0.00 ? 14 DA  B C5     1 
ATOM   421 C  C6     . DA  B 2 6 ? 3.571   -1.493  -4.067  1.00 0.00 ? 14 DA  B C6     1 
ATOM   422 N  N6     . DA  B 2 6 ? 2.551   -0.848  -4.621  1.00 0.00 ? 14 DA  B N6     1 
ATOM   423 N  N1     . DA  B 2 6 ? 3.274   -2.488  -3.225  1.00 0.00 ? 14 DA  B N1     1 
ATOM   424 C  C2     . DA  B 2 6 ? 4.239   -3.164  -2.627  1.00 0.00 ? 14 DA  B C2     1 
ATOM   425 N  N3     . DA  B 2 6 ? 5.550   -2.972  -2.736  1.00 0.00 ? 14 DA  B N3     1 
ATOM   426 C  C4     . DA  B 2 6 ? 5.836   -1.963  -3.596  1.00 0.00 ? 14 DA  B C4     1 
ATOM   427 H  "H5'"  . DA  B 2 6 ? 9.781   -0.930  0.090   1.00 0.00 ? 14 DA  B "H5'"  1 
ATOM   428 H  "H5''" . DA  B 2 6 ? 11.414  -1.586  -0.167  1.00 0.00 ? 14 DA  B "H5''" 1 
ATOM   429 H  "H4'"  . DA  B 2 6 ? 9.721   -2.939  -1.132  1.00 0.00 ? 14 DA  B "H4'"  1 
ATOM   430 H  "H3'"  . DA  B 2 6 ? 11.532  -1.521  -2.828  1.00 0.00 ? 14 DA  B "H3'"  1 
ATOM   431 H  "H2'"  . DA  B 2 6 ? 9.844   -0.659  -4.158  1.00 0.00 ? 14 DA  B "H2'"  1 
ATOM   432 H  "H2''" . DA  B 2 6 ? 9.848   -2.224  -4.996  1.00 0.00 ? 14 DA  B "H2''" 1 
ATOM   433 H  "H1'"  . DA  B 2 6 ? 8.207   -3.083  -3.285  1.00 0.00 ? 14 DA  B "H1'"  1 
ATOM   434 H  H8     . DA  B 2 6 ? 7.689   -0.022  -5.359  1.00 0.00 ? 14 DA  B H8     1 
ATOM   435 H  H61    . DA  B 2 6 ? 1.617   -1.076  -4.314  1.00 0.00 ? 14 DA  B H61    1 
ATOM   436 H  H62    . DA  B 2 6 ? 2.708   -0.124  -5.306  1.00 0.00 ? 14 DA  B H62    1 
ATOM   437 H  H2     . DA  B 2 6 ? 3.897   -3.977  -1.969  1.00 0.00 ? 14 DA  B H2     1 
ATOM   438 P  P      . DG  B 2 7 ? 10.379  -4.899  -3.282  1.00 0.00 ? 15 DG  B P      1 
ATOM   439 O  OP1    . DG  B 2 7 ? 11.209  -6.065  -2.901  1.00 0.00 ? 15 DG  B OP1    1 
ATOM   440 O  OP2    . DG  B 2 7 ? 9.720   -4.853  -4.607  1.00 0.00 ? 15 DG  B OP2    1 
ATOM   441 O  "O5'"  . DG  B 2 7 ? 9.255   -4.656  -2.155  1.00 0.00 ? 15 DG  B "O5'"  1 
ATOM   442 C  "C5'"  . DG  B 2 7 ? 8.715   -5.624  -1.264  1.00 0.00 ? 15 DG  B "C5'"  1 
ATOM   443 C  "C4'"  . DG  B 2 7 ? 7.667   -6.513  -1.928  1.00 0.00 ? 15 DG  B "C4'"  1 
ATOM   444 O  "O4'"  . DG  B 2 7 ? 6.647   -5.743  -2.589  1.00 0.00 ? 15 DG  B "O4'"  1 
ATOM   445 C  "C3'"  . DG  B 2 7 ? 8.240   -7.504  -2.958  1.00 0.00 ? 15 DG  B "C3'"  1 
ATOM   446 O  "O3'"  . DG  B 2 7 ? 7.775   -8.840  -2.752  1.00 0.00 ? 15 DG  B "O3'"  1 
ATOM   447 C  "C2'"  . DG  B 2 7 ? 7.678   -6.958  -4.238  1.00 0.00 ? 15 DG  B "C2'"  1 
ATOM   448 C  "C1'"  . DG  B 2 7 ? 6.318   -6.448  -3.790  1.00 0.00 ? 15 DG  B "C1'"  1 
ATOM   449 N  N9     . DG  B 2 7 ? 5.605   -5.575  -4.742  1.00 0.00 ? 15 DG  B N9     1 
ATOM   450 C  C8     . DG  B 2 7 ? 6.051   -4.522  -5.504  1.00 0.00 ? 15 DG  B C8     1 
ATOM   451 N  N7     . DG  B 2 7 ? 5.135   -3.941  -6.212  1.00 0.00 ? 15 DG  B N7     1 
ATOM   452 C  C5     . DG  B 2 7 ? 3.993   -4.664  -5.906  1.00 0.00 ? 15 DG  B C5     1 
ATOM   453 C  C6     . DG  B 2 7 ? 2.678   -4.481  -6.363  1.00 0.00 ? 15 DG  B C6     1 
ATOM   454 O  O6     . DG  B 2 7 ? 2.255   -3.614  -7.122  1.00 0.00 ? 15 DG  B O6     1 
ATOM   455 N  N1     . DG  B 2 7 ? 1.837   -5.434  -5.834  1.00 0.00 ? 15 DG  B N1     1 
ATOM   456 C  C2     . DG  B 2 7 ? 2.199   -6.440  -4.971  1.00 0.00 ? 15 DG  B C2     1 
ATOM   457 N  N2     . DG  B 2 7 ? 1.233   -7.293  -4.656  1.00 0.00 ? 15 DG  B N2     1 
ATOM   458 N  N3     . DG  B 2 7 ? 3.427   -6.590  -4.487  1.00 0.00 ? 15 DG  B N3     1 
ATOM   459 C  C4     . DG  B 2 7 ? 4.270   -5.671  -5.016  1.00 0.00 ? 15 DG  B C4     1 
ATOM   460 H  "H5'"  . DG  B 2 7 ? 8.251   -5.022  -0.487  1.00 0.00 ? 15 DG  B "H5'"  1 
ATOM   461 H  "H5''" . DG  B 2 7 ? 9.494   -6.259  -0.831  1.00 0.00 ? 15 DG  B "H5''" 1 
ATOM   462 H  "H4'"  . DG  B 2 7 ? 7.153   -7.060  -1.154  1.00 0.00 ? 15 DG  B "H4'"  1 
ATOM   463 H  "H3'"  . DG  B 2 7 ? 9.322   -7.479  -2.899  1.00 0.00 ? 15 DG  B "H3'"  1 
ATOM   464 H  "H2'"  . DG  B 2 7 ? 8.344   -6.153  -4.532  1.00 0.00 ? 15 DG  B "H2'"  1 
ATOM   465 H  "H2''" . DG  B 2 7 ? 7.619   -7.705  -5.032  1.00 0.00 ? 15 DG  B "H2''" 1 
ATOM   466 H  "H1'"  . DG  B 2 7 ? 5.678   -7.296  -3.519  1.00 0.00 ? 15 DG  B "H1'"  1 
ATOM   467 H  H8     . DG  B 2 7 ? 7.073   -4.173  -5.540  1.00 0.00 ? 15 DG  B H8     1 
ATOM   468 H  H1     . DG  B 2 7 ? 0.878   -5.369  -6.117  1.00 0.00 ? 15 DG  B H1     1 
ATOM   469 H  H21    . DG  B 2 7 ? 0.321   -7.133  -5.059  1.00 0.00 ? 15 DG  B H21    1 
ATOM   470 H  H22    . DG  B 2 7 ? 1.419   -8.087  -4.060  1.00 0.00 ? 15 DG  B H22    1 
ATOM   471 P  P      . DG  B 2 8 ? 8.319   -10.138 -3.564  1.00 0.00 ? 16 DG  B P      1 
ATOM   472 O  OP1    . DG  B 2 8 ? 9.271   -10.864 -2.693  1.00 0.00 ? 16 DG  B OP1    1 
ATOM   473 O  OP2    . DG  B 2 8 ? 8.724   -9.735  -4.929  1.00 0.00 ? 16 DG  B OP2    1 
ATOM   474 O  "O5'"  . DG  B 2 8 ? 6.955   -10.996 -3.667  1.00 0.00 ? 16 DG  B "O5'"  1 
ATOM   475 C  "C5'"  . DG  B 2 8 ? 6.090   -11.014 -2.526  1.00 0.00 ? 16 DG  B "C5'"  1 
ATOM   476 C  "C4'"  . DG  B 2 8 ? 4.645   -10.579 -2.881  1.00 0.00 ? 16 DG  B "C4'"  1 
ATOM   477 O  "O4'"  . DG  B 2 8 ? 4.711   -9.403  -3.745  1.00 0.00 ? 16 DG  B "O4'"  1 
ATOM   478 C  "C3'"  . DG  B 2 8 ? 3.811   -11.624 -3.649  1.00 0.00 ? 16 DG  B "C3'"  1 
ATOM   479 O  "O3'"  . DG  B 2 8 ? 2.424   -11.456 -3.328  1.00 0.00 ? 16 DG  B "O3'"  1 
ATOM   480 C  "C2'"  . DG  B 2 8 ? 4.021   -11.116 -5.057  1.00 0.00 ? 16 DG  B "C2'"  1 
ATOM   481 C  "C1'"  . DG  B 2 8 ? 3.844   -9.636  -4.871  1.00 0.00 ? 16 DG  B "C1'"  1 
ATOM   482 N  N9     . DG  B 2 8 ? 4.108   -8.920  -6.132  1.00 0.00 ? 16 DG  B N9     1 
ATOM   483 C  C8     . DG  B 2 8 ? 5.311   -8.573  -6.628  1.00 0.00 ? 16 DG  B C8     1 
ATOM   484 N  N7     . DG  B 2 8 ? 5.270   -7.855  -7.720  1.00 0.00 ? 16 DG  B N7     1 
ATOM   485 C  C5     . DG  B 2 8 ? 3.904   -7.757  -7.991  1.00 0.00 ? 16 DG  B C5     1 
ATOM   486 C  C6     . DG  B 2 8 ? 3.211   -7.089  -9.050  1.00 0.00 ? 16 DG  B C6     1 
ATOM   487 O  O6     . DG  B 2 8 ? 3.673   -6.452  -9.993  1.00 0.00 ? 16 DG  B O6     1 
ATOM   488 N  N1     . DG  B 2 8 ? 1.836   -7.224  -8.933  1.00 0.00 ? 16 DG  B N1     1 
ATOM   489 C  C2     . DG  B 2 8 ? 1.196   -7.964  -7.967  1.00 0.00 ? 16 DG  B C2     1 
ATOM   490 N  N2     . DG  B 2 8 ? -0.126  -8.054  -8.071  1.00 0.00 ? 16 DG  B N2     1 
ATOM   491 N  N3     . DG  B 2 8 ? 1.838   -8.591  -6.974  1.00 0.00 ? 16 DG  B N3     1 
ATOM   492 C  C4     . DG  B 2 8 ? 3.185   -8.432  -7.037  1.00 0.00 ? 16 DG  B C4     1 
ATOM   493 H  "H5'"  . DG  B 2 8 ? 6.479   -10.289 -1.808  1.00 0.00 ? 16 DG  B "H5'"  1 
ATOM   494 H  "H5''" . DG  B 2 8 ? 6.171   -11.999 -2.060  1.00 0.00 ? 16 DG  B "H5''" 1 
ATOM   495 H  "H4'"  . DG  B 2 8 ? 4.067   -10.276 -2.010  1.00 0.00 ? 16 DG  B "H4'"  1 
ATOM   496 H  "H3'"  . DG  B 2 8 ? 4.076   -12.659 -3.417  1.00 0.00 ? 16 DG  B "H3'"  1 
ATOM   497 H  "HO3'" . DG  B 2 8 ? 2.299   -11.590 -2.385  1.00 0.00 ? 16 DG  B "HO3'" 1 
ATOM   498 H  "H2'"  . DG  B 2 8 ? 5.060   -11.283 -5.356  1.00 0.00 ? 16 DG  B "H2'"  1 
ATOM   499 H  "H2''" . DG  B 2 8 ? 3.323   -11.461 -5.822  1.00 0.00 ? 16 DG  B "H2''" 1 
ATOM   500 H  "H1'"  . DG  B 2 8 ? 2.870   -9.338  -4.507  1.00 0.00 ? 16 DG  B "H1'"  1 
ATOM   501 H  H8     . DG  B 2 8 ? 6.172   -8.940  -6.083  1.00 0.00 ? 16 DG  B H8     1 
ATOM   502 H  H1     . DG  B 2 8 ? 1.262   -6.730  -9.604  1.00 0.00 ? 16 DG  B H1     1 
ATOM   503 H  H21    . DG  B 2 8 ? -0.636  -7.430  -8.683  1.00 0.00 ? 16 DG  B H21    1 
ATOM   504 H  H22    . DG  B 2 8 ? -0.625  -8.754  -7.540  1.00 0.00 ? 16 DG  B H22    1 
HETATM 505 PT PT1    . CPT C 3 . ? -1.577  -3.155  2.320   1.00 0.00 ? 17 CPT A PT1    1 
HETATM 506 N  N1     . CPT C 3 . ? -2.716  -3.801  0.808   1.00 0.00 ? 17 CPT A N1     1 
HETATM 507 N  N2     . CPT C 3 . ? -3.082  -2.084  3.052   1.00 0.00 ? 17 CPT A N2     1 
HETATM 508 H  H11    . CPT C 3 . ? -2.498  -4.804  0.636   1.00 0.00 ? 17 CPT A H11    1 
HETATM 509 H  H12    . CPT C 3 . ? -2.508  -3.247  -0.045  1.00 0.00 ? 17 CPT A H12    1 
HETATM 510 H  H21    . CPT C 3 . ? -3.645  -1.676  2.278   1.00 0.00 ? 17 CPT A H21    1 
HETATM 511 H  H22    . CPT C 3 . ? -2.753  -1.304  3.659   1.00 0.00 ? 17 CPT A H22    1 
HETATM 512 H  H13    . CPT C 3 . ? -3.726  -3.711  1.040   1.00 0.00 ? 17 CPT A H13    1 
HETATM 513 H  H23    . CPT C 3 . ? -3.684  -2.707  3.624   1.00 0.00 ? 17 CPT A H23    1 
# 
